data_8BIU
#
_entry.id   8BIU
#
_cell.length_a   157.737
_cell.length_b   157.737
_cell.length_c   93.401
_cell.angle_alpha   90.00
_cell.angle_beta   90.00
_cell.angle_gamma   120.00
#
_symmetry.space_group_name_H-M   'P 3 2 1'
#
loop_
_entity.id
_entity.type
_entity.pdbx_description
1 polymer 'Cystathionine beta-lyase, putative'
2 non-polymer "PYRIDOXAL-5'-PHOSPHATE"
3 non-polymer '2-KETOBUTYRIC ACID'
4 water water
#
_entity_poly.entity_id   1
_entity_poly.type   'polypeptide(L)'
_entity_poly.pdbx_seq_one_letter_code
;MASKQNDKDGAVRRDASFECGVKAGDWLPGFTPREETVYVHGGVEPDPLTGAILPPIYQNTTFVQESVENYLSKGFSYSR
TSNPTVLSLEKKIAEIEGGFGACCFATGMAATVTIFSAFLAPGDHCLVTNCSYGGTNRCARLHFSKYNIDFEFIDFRDPT
NVEKAIRPQTKVVFSESPCNPTLYLADIEAISQICKEKKVLHVCDSTFATPYMMRPLDLGADIVVQSTTKYYDGHNCTLG
GAVISSTKEIHDKVFFLRNVMGNIMSAQTAFYTLLTLKTLPIRVEKQSANAQKIAEFLSKHHKVEHVIYPGIPSFPQKEL
ALKQHKNVHGGMLAFEVKGGTEAGIRMMNHVPRPWSLCENLGACESIITCPAVFTHANMLREDRLKVGITDGFIRVSVGI
EDVNDLIDGLDYALSKA
;
_entity_poly.pdbx_strand_id   G,A
#
loop_
_chem_comp.id
_chem_comp.type
_chem_comp.name
_chem_comp.formula
2KT non-polymer '2-KETOBUTYRIC ACID' 'C4 H6 O3'
PLP non-polymer PYRIDOXAL-5'-PHOSPHATE 'C8 H10 N O6 P'
#
# COMPACT_ATOMS: atom_id res chain seq x y z
N VAL A 22 14.76 -19.18 -35.54
CA VAL A 22 14.85 -18.57 -34.21
C VAL A 22 16.26 -18.02 -33.98
N LYS A 23 16.36 -16.71 -33.75
CA LYS A 23 17.61 -16.00 -33.57
C LYS A 23 17.86 -15.70 -32.10
N ALA A 24 19.03 -15.10 -31.83
CA ALA A 24 19.36 -14.69 -30.47
C ALA A 24 18.27 -13.80 -29.91
N GLY A 25 17.93 -14.02 -28.64
CA GLY A 25 16.95 -13.22 -27.95
C GLY A 25 15.54 -13.77 -27.95
N ASP A 26 15.29 -14.87 -28.65
CA ASP A 26 13.97 -15.47 -28.72
C ASP A 26 13.96 -16.77 -27.93
N TRP A 27 12.83 -17.07 -27.29
CA TRP A 27 12.59 -18.42 -26.80
C TRP A 27 12.20 -19.33 -27.97
N LEU A 28 12.63 -20.57 -27.92
CA LEU A 28 12.23 -21.50 -28.98
C LEU A 28 10.71 -21.66 -28.98
N PRO A 29 10.05 -21.45 -30.11
CA PRO A 29 8.60 -21.65 -30.15
C PRO A 29 8.24 -23.08 -29.78
N GLY A 30 7.19 -23.23 -28.98
CA GLY A 30 6.69 -24.52 -28.58
C GLY A 30 7.37 -25.14 -27.38
N PHE A 31 8.41 -24.52 -26.86
CA PHE A 31 9.07 -25.05 -25.68
C PHE A 31 8.71 -24.24 -24.44
N THR A 32 8.66 -24.94 -23.32
CA THR A 32 8.35 -24.37 -22.02
C THR A 32 9.60 -24.39 -21.17
N PRO A 33 10.07 -23.24 -20.66
CA PRO A 33 11.23 -23.24 -19.77
C PRO A 33 11.01 -24.14 -18.57
N ARG A 34 12.10 -24.74 -18.09
CA ARG A 34 12.03 -25.49 -16.85
C ARG A 34 12.02 -24.56 -15.64
N GLU A 35 11.65 -25.14 -14.50
CA GLU A 35 11.31 -24.39 -13.29
C GLU A 35 12.33 -23.31 -12.95
N GLU A 36 13.57 -23.71 -12.68
CA GLU A 36 14.58 -22.74 -12.26
C GLU A 36 14.78 -21.66 -13.32
N THR A 37 14.69 -22.04 -14.60
CA THR A 37 14.77 -21.04 -15.65
C THR A 37 13.69 -19.98 -15.49
N VAL A 38 12.47 -20.40 -15.12
CA VAL A 38 11.40 -19.44 -14.92
C VAL A 38 11.72 -18.51 -13.76
N TYR A 39 12.31 -19.02 -12.69
CA TYR A 39 12.71 -18.13 -11.60
C TYR A 39 13.71 -17.10 -12.07
N VAL A 40 14.65 -17.50 -12.90
CA VAL A 40 15.63 -16.53 -13.38
C VAL A 40 14.98 -15.53 -14.35
N HIS A 41 14.18 -16.02 -15.30
CA HIS A 41 13.82 -15.25 -16.49
C HIS A 41 12.33 -14.99 -16.68
N GLY A 42 11.44 -15.72 -16.02
CA GLY A 42 10.01 -15.57 -16.26
C GLY A 42 9.52 -14.13 -16.25
N GLY A 43 8.60 -13.79 -17.17
CA GLY A 43 7.98 -12.48 -17.20
C GLY A 43 8.87 -11.31 -17.56
N VAL A 44 10.12 -11.55 -17.93
CA VAL A 44 11.05 -10.46 -18.22
C VAL A 44 11.80 -10.79 -19.50
N GLU A 45 12.05 -9.75 -20.29
CA GLU A 45 12.88 -9.82 -21.47
C GLU A 45 13.82 -8.62 -21.42
N PRO A 46 14.93 -8.68 -22.17
CA PRO A 46 15.78 -7.48 -22.27
C PRO A 46 14.95 -6.28 -22.71
N ASP A 47 15.30 -5.13 -22.17
CA ASP A 47 14.62 -3.89 -22.50
C ASP A 47 14.65 -3.64 -24.00
N PRO A 48 13.50 -3.56 -24.66
CA PRO A 48 13.49 -3.34 -26.13
C PRO A 48 14.26 -2.11 -26.58
N LEU A 49 14.21 -1.01 -25.81
CA LEU A 49 14.86 0.24 -26.21
C LEU A 49 16.39 0.11 -26.16
N THR A 50 16.93 -0.47 -25.09
CA THR A 50 18.37 -0.51 -24.87
C THR A 50 18.98 -1.90 -24.89
N GLY A 51 18.19 -2.94 -24.70
CA GLY A 51 18.74 -4.27 -24.48
C GLY A 51 19.14 -4.55 -23.05
N ALA A 52 18.87 -3.63 -22.13
CA ALA A 52 19.20 -3.82 -20.71
C ALA A 52 18.72 -5.19 -20.25
N ILE A 53 19.65 -5.97 -19.70
CA ILE A 53 19.30 -7.35 -19.37
C ILE A 53 18.31 -7.39 -18.21
N LEU A 54 18.33 -6.38 -17.32
CA LEU A 54 17.29 -6.23 -16.31
C LEU A 54 16.30 -5.13 -16.70
N PRO A 55 15.03 -5.25 -16.34
CA PRO A 55 14.10 -4.17 -16.63
C PRO A 55 14.44 -2.94 -15.79
N PRO A 56 14.48 -1.76 -16.40
CA PRO A 56 14.76 -0.55 -15.62
C PRO A 56 13.69 -0.34 -14.55
N ILE A 57 14.04 0.48 -13.57
CA ILE A 57 13.13 0.81 -12.49
C ILE A 57 12.33 2.03 -12.92
N TYR A 58 11.02 1.88 -13.05
CA TYR A 58 10.15 2.98 -13.44
C TYR A 58 9.71 3.74 -12.20
N GLN A 59 10.67 4.48 -11.65
CA GLN A 59 10.47 5.36 -10.49
C GLN A 59 9.79 6.65 -10.97
N ASN A 60 8.57 6.50 -11.43
CA ASN A 60 7.85 7.64 -11.96
C ASN A 60 6.38 7.42 -11.69
N THR A 61 5.67 8.51 -11.52
CA THR A 61 4.28 8.41 -11.13
C THR A 61 3.35 8.39 -12.35
N THR A 62 3.66 9.13 -13.40
CA THR A 62 2.72 9.30 -14.50
C THR A 62 3.40 9.00 -15.84
N PHE A 63 2.58 8.77 -16.86
CA PHE A 63 3.07 8.38 -18.18
C PHE A 63 2.41 9.26 -19.24
N VAL A 64 3.22 9.82 -20.11
CA VAL A 64 2.74 10.83 -21.06
C VAL A 64 2.01 10.12 -22.19
N GLN A 65 0.83 10.64 -22.53
CA GLN A 65 0.01 10.07 -23.59
C GLN A 65 0.28 10.81 -24.91
N GLU A 66 0.26 10.05 -26.00
CA GLU A 66 0.64 10.60 -27.29
C GLU A 66 -0.44 11.51 -27.86
N SER A 67 -1.71 11.22 -27.55
CA SER A 67 -2.82 12.07 -27.94
C SER A 67 -4.04 11.66 -27.12
N VAL A 68 -5.13 12.41 -27.31
CA VAL A 68 -6.38 12.05 -26.63
C VAL A 68 -6.87 10.68 -27.07
N GLU A 69 -6.81 10.40 -28.37
CA GLU A 69 -7.34 9.14 -28.90
C GLU A 69 -6.37 7.98 -28.69
N ASN A 70 -5.06 8.26 -28.65
CA ASN A 70 -4.06 7.26 -28.34
C ASN A 70 -3.91 7.05 -26.84
N TYR A 71 -4.93 7.42 -26.07
CA TYR A 71 -4.86 7.26 -24.63
C TYR A 71 -4.67 5.80 -24.26
N LEU A 72 -3.62 5.51 -23.50
CA LEU A 72 -3.25 4.19 -23.01
C LEU A 72 -2.65 3.29 -24.08
N SER A 73 -2.30 3.83 -25.24
CA SER A 73 -1.78 2.97 -26.31
C SER A 73 -0.46 2.34 -25.90
N LYS A 74 0.29 2.98 -25.00
CA LYS A 74 1.54 2.41 -24.51
C LYS A 74 1.36 1.58 -23.26
N GLY A 75 0.11 1.44 -22.79
CA GLY A 75 -0.20 0.52 -21.73
C GLY A 75 -0.20 1.10 -20.31
N PHE A 76 0.25 2.34 -20.12
CA PHE A 76 0.39 2.89 -18.79
C PHE A 76 -0.13 4.32 -18.75
N SER A 77 -0.59 4.74 -17.57
CA SER A 77 -1.09 6.08 -17.34
C SER A 77 -0.66 6.60 -15.98
N TYR A 78 -0.73 5.77 -14.96
CA TYR A 78 -0.54 6.21 -13.58
C TYR A 78 -0.09 5.03 -12.74
N SER A 79 1.01 5.20 -11.99
CA SER A 79 1.63 4.10 -11.30
C SER A 79 0.78 3.52 -10.16
N ARG A 80 -0.22 4.24 -9.65
CA ARG A 80 -1.08 3.59 -8.66
C ARG A 80 -1.90 2.48 -9.31
N THR A 81 -2.23 2.62 -10.59
CA THR A 81 -3.02 1.64 -11.31
C THR A 81 -2.17 0.50 -11.84
N SER A 82 -1.05 0.81 -12.48
CA SER A 82 -0.10 -0.19 -12.92
C SER A 82 1.20 0.52 -13.26
N ASN A 83 2.30 -0.22 -13.19
CA ASN A 83 3.65 0.31 -13.40
C ASN A 83 4.46 -0.77 -14.11
N PRO A 84 5.35 -0.40 -15.04
CA PRO A 84 6.04 -1.44 -15.83
C PRO A 84 6.88 -2.40 -14.99
N THR A 85 7.65 -1.88 -14.02
CA THR A 85 8.45 -2.77 -13.17
C THR A 85 7.55 -3.72 -12.40
N VAL A 86 6.50 -3.19 -11.79
CA VAL A 86 5.56 -4.02 -11.05
C VAL A 86 4.91 -5.04 -11.97
N LEU A 87 4.64 -4.65 -13.22
CA LEU A 87 4.01 -5.58 -14.16
C LEU A 87 4.96 -6.72 -14.54
N SER A 88 6.23 -6.42 -14.76
CA SER A 88 7.19 -7.49 -15.04
C SER A 88 7.28 -8.47 -13.88
N LEU A 89 7.32 -7.95 -12.64
CA LEU A 89 7.31 -8.86 -11.50
C LEU A 89 6.02 -9.69 -11.48
N GLU A 90 4.89 -9.07 -11.79
CA GLU A 90 3.62 -9.79 -11.74
C GLU A 90 3.58 -10.89 -12.80
N LYS A 91 4.21 -10.65 -13.95
CA LYS A 91 4.29 -11.70 -14.96
C LYS A 91 5.16 -12.84 -14.49
N LYS A 92 6.31 -12.52 -13.88
CA LYS A 92 7.14 -13.57 -13.32
C LYS A 92 6.37 -14.41 -12.31
N ILE A 93 5.70 -13.74 -11.38
CA ILE A 93 5.00 -14.44 -10.30
C ILE A 93 3.86 -15.28 -10.86
N ALA A 94 3.13 -14.75 -11.83
CA ALA A 94 2.08 -15.54 -12.45
C ALA A 94 2.64 -16.78 -13.10
N GLU A 95 3.79 -16.66 -13.76
CA GLU A 95 4.40 -17.84 -14.36
C GLU A 95 4.84 -18.83 -13.30
N ILE A 96 5.48 -18.35 -12.23
CA ILE A 96 6.00 -19.22 -11.19
C ILE A 96 4.88 -19.97 -10.50
N GLU A 97 3.75 -19.33 -10.25
CA GLU A 97 2.70 -19.97 -9.50
C GLU A 97 1.68 -20.67 -10.38
N GLY A 98 1.82 -20.58 -11.70
CA GLY A 98 0.91 -21.21 -12.62
C GLY A 98 -0.48 -20.61 -12.63
N GLY A 99 -0.57 -19.28 -12.72
CA GLY A 99 -1.86 -18.63 -12.69
C GLY A 99 -2.14 -17.83 -13.94
N PHE A 100 -3.40 -17.44 -14.14
CA PHE A 100 -3.69 -16.53 -15.24
C PHE A 100 -2.96 -15.21 -15.03
N GLY A 101 -3.12 -14.60 -13.86
CA GLY A 101 -2.53 -13.29 -13.65
C GLY A 101 -2.14 -13.09 -12.21
N ALA A 102 -1.28 -12.11 -11.97
CA ALA A 102 -0.91 -11.76 -10.61
C ALA A 102 -0.99 -10.25 -10.45
N CYS A 103 -1.38 -9.82 -9.24
CA CYS A 103 -1.26 -8.43 -8.79
C CYS A 103 -0.37 -8.33 -7.55
N CYS A 104 0.49 -7.33 -7.54
CA CYS A 104 1.43 -7.09 -6.45
C CYS A 104 1.03 -5.89 -5.59
N PHE A 105 1.23 -6.04 -4.29
CA PHE A 105 0.73 -5.18 -3.25
C PHE A 105 1.88 -4.73 -2.36
N ALA A 106 1.64 -3.65 -1.62
CA ALA A 106 2.66 -3.12 -0.73
C ALA A 106 3.10 -4.16 0.29
N THR A 107 2.22 -5.07 0.70
CA THR A 107 2.55 -6.10 1.68
C THR A 107 1.70 -7.33 1.44
N GLY A 108 2.07 -8.42 2.11
CA GLY A 108 1.20 -9.59 2.13
C GLY A 108 -0.12 -9.29 2.80
N MET A 109 -0.11 -8.46 3.85
CA MET A 109 -1.35 -8.15 4.53
C MET A 109 -2.28 -7.36 3.61
N ALA A 110 -1.74 -6.47 2.77
CA ALA A 110 -2.59 -5.77 1.83
C ALA A 110 -3.20 -6.72 0.80
N ALA A 111 -2.43 -7.70 0.32
CA ALA A 111 -2.98 -8.71 -0.58
C ALA A 111 -4.16 -9.44 0.08
N THR A 112 -3.96 -9.89 1.32
CA THR A 112 -5.01 -10.59 2.04
C THR A 112 -6.24 -9.72 2.20
N VAL A 113 -6.01 -8.47 2.59
CA VAL A 113 -7.07 -7.51 2.82
C VAL A 113 -7.85 -7.29 1.53
N THR A 114 -7.14 -7.22 0.40
CA THR A 114 -7.80 -6.96 -0.87
C THR A 114 -8.68 -8.13 -1.27
N ILE A 115 -8.25 -9.36 -0.99
CA ILE A 115 -9.14 -10.49 -1.23
C ILE A 115 -10.41 -10.36 -0.39
N PHE A 116 -10.24 -10.12 0.92
CA PHE A 116 -11.40 -9.93 1.79
C PHE A 116 -12.32 -8.80 1.28
N SER A 117 -11.74 -7.69 0.82
CA SER A 117 -12.55 -6.56 0.37
C SER A 117 -13.29 -6.89 -0.91
N ALA A 118 -12.66 -7.60 -1.82
CA ALA A 118 -13.26 -7.85 -3.13
C ALA A 118 -14.38 -8.87 -3.05
N PHE A 119 -14.22 -9.92 -2.25
CA PHE A 119 -15.06 -11.09 -2.41
C PHE A 119 -16.03 -11.31 -1.27
N LEU A 120 -16.11 -10.40 -0.32
CA LEU A 120 -17.06 -10.52 0.77
C LEU A 120 -17.91 -9.27 0.82
N ALA A 121 -19.16 -9.44 1.23
CA ALA A 121 -20.11 -8.37 1.44
C ALA A 121 -20.87 -8.65 2.72
N PRO A 122 -21.55 -7.66 3.28
CA PRO A 122 -22.37 -7.90 4.48
C PRO A 122 -23.25 -9.12 4.29
N GLY A 123 -23.31 -9.95 5.32
CA GLY A 123 -24.12 -11.15 5.28
C GLY A 123 -23.42 -12.36 4.69
N ASP A 124 -22.21 -12.19 4.18
CA ASP A 124 -21.46 -13.31 3.64
C ASP A 124 -20.75 -14.05 4.77
N HIS A 125 -20.33 -15.28 4.45
CA HIS A 125 -19.65 -16.15 5.39
C HIS A 125 -18.31 -16.55 4.79
N CYS A 126 -17.31 -16.68 5.64
CA CYS A 126 -15.97 -17.01 5.16
C CYS A 126 -15.34 -17.97 6.16
N LEU A 127 -14.92 -19.13 5.68
CA LEU A 127 -14.23 -20.10 6.49
C LEU A 127 -12.74 -19.82 6.41
N VAL A 128 -12.10 -19.76 7.57
CA VAL A 128 -10.69 -19.42 7.67
C VAL A 128 -10.03 -20.44 8.57
N THR A 129 -8.87 -20.93 8.17
CA THR A 129 -8.15 -21.89 9.01
C THR A 129 -7.90 -21.29 10.38
N ASN A 130 -8.13 -22.08 11.42
CA ASN A 130 -8.02 -21.58 12.79
C ASN A 130 -6.58 -21.24 13.14
N CYS A 131 -5.60 -21.85 12.47
CA CYS A 131 -4.18 -21.60 12.69
C CYS A 131 -3.57 -20.75 11.59
N SER A 132 -4.30 -19.73 11.15
CA SER A 132 -3.82 -18.74 10.20
C SER A 132 -2.77 -17.83 10.84
N TYR A 133 -1.98 -17.18 9.99
CA TYR A 133 -1.10 -16.12 10.46
C TYR A 133 -1.86 -15.14 11.33
N GLY A 134 -1.23 -14.70 12.42
CA GLY A 134 -1.91 -13.79 13.34
C GLY A 134 -2.58 -12.63 12.63
N GLY A 135 -1.87 -11.99 11.71
CA GLY A 135 -2.42 -10.81 11.04
C GLY A 135 -3.72 -11.09 10.32
N THR A 136 -3.83 -12.25 9.68
CA THR A 136 -5.05 -12.61 8.96
C THR A 136 -6.23 -12.74 9.93
N ASN A 137 -6.03 -13.52 10.99
CA ASN A 137 -7.06 -13.66 12.01
C ASN A 137 -7.47 -12.31 12.57
N ARG A 138 -6.52 -11.40 12.76
CA ARG A 138 -6.87 -10.13 13.38
C ARG A 138 -7.58 -9.18 12.44
N CYS A 139 -7.19 -9.13 11.16
CA CYS A 139 -7.92 -8.26 10.25
C CYS A 139 -9.33 -8.78 10.01
N ALA A 140 -9.52 -10.10 10.06
CA ALA A 140 -10.88 -10.64 9.94
C ALA A 140 -11.71 -10.35 11.19
N ARG A 141 -11.24 -10.82 12.35
CA ARG A 141 -12.03 -10.73 13.57
C ARG A 141 -12.27 -9.29 13.99
N LEU A 142 -11.27 -8.42 13.78
CA LEU A 142 -11.30 -7.10 14.39
C LEU A 142 -11.66 -5.99 13.42
N HIS A 143 -11.61 -6.21 12.11
CA HIS A 143 -12.00 -5.18 11.16
C HIS A 143 -13.17 -5.61 10.30
N PHE A 144 -13.00 -6.61 9.43
CA PHE A 144 -14.04 -6.93 8.47
C PHE A 144 -15.32 -7.43 9.14
N SER A 145 -15.22 -8.01 10.34
CA SER A 145 -16.42 -8.46 11.04
C SER A 145 -17.38 -7.32 11.34
N LYS A 146 -16.89 -6.08 11.39
CA LYS A 146 -17.79 -4.96 11.61
C LYS A 146 -18.66 -4.65 10.41
N TYR A 147 -18.37 -5.24 9.25
CA TYR A 147 -19.24 -5.13 8.07
C TYR A 147 -20.28 -6.24 8.04
N ASN A 148 -20.50 -6.92 9.16
CA ASN A 148 -21.50 -7.97 9.22
C ASN A 148 -21.12 -9.14 8.33
N ILE A 149 -19.82 -9.37 8.21
CA ILE A 149 -19.28 -10.55 7.55
C ILE A 149 -18.94 -11.57 8.64
N ASP A 150 -19.40 -12.80 8.48
CA ASP A 150 -19.20 -13.83 9.49
C ASP A 150 -17.99 -14.67 9.11
N PHE A 151 -16.95 -14.59 9.92
CA PHE A 151 -15.74 -15.38 9.73
C PHE A 151 -15.76 -16.54 10.72
N GLU A 152 -15.68 -17.75 10.19
CA GLU A 152 -15.66 -18.94 11.02
C GLU A 152 -14.28 -19.57 10.94
N PHE A 153 -13.67 -19.81 12.09
CA PHE A 153 -12.34 -20.40 12.17
C PHE A 153 -12.47 -21.86 12.57
N ILE A 154 -11.94 -22.74 11.74
CA ILE A 154 -12.11 -24.18 11.90
C ILE A 154 -10.77 -24.85 11.65
N ASP A 155 -10.77 -26.16 11.86
CA ASP A 155 -9.57 -26.99 11.73
C ASP A 155 -9.54 -27.57 10.33
N PHE A 156 -8.63 -27.06 9.50
CA PHE A 156 -8.53 -27.43 8.11
C PHE A 156 -7.78 -28.74 7.88
N ARG A 157 -7.23 -29.33 8.93
CA ARG A 157 -6.50 -30.58 8.79
C ARG A 157 -7.38 -31.71 8.28
N ASP A 158 -8.69 -31.64 8.50
CA ASP A 158 -9.64 -32.60 7.96
C ASP A 158 -10.55 -31.90 6.97
N PRO A 159 -10.40 -32.12 5.66
CA PRO A 159 -11.27 -31.41 4.69
C PRO A 159 -12.75 -31.66 4.90
N THR A 160 -13.13 -32.72 5.62
CA THR A 160 -14.53 -32.93 5.96
C THR A 160 -15.06 -31.81 6.84
N ASN A 161 -14.23 -31.30 7.75
CA ASN A 161 -14.63 -30.12 8.52
C ASN A 161 -15.02 -28.98 7.60
N VAL A 162 -14.15 -28.68 6.64
CA VAL A 162 -14.45 -27.62 5.69
C VAL A 162 -15.77 -27.90 5.01
N GLU A 163 -15.93 -29.11 4.47
CA GLU A 163 -17.17 -29.39 3.73
C GLU A 163 -18.39 -29.21 4.61
N LYS A 164 -18.31 -29.63 5.87
CA LYS A 164 -19.48 -29.53 6.74
C LYS A 164 -19.75 -28.08 7.14
N ALA A 165 -18.70 -27.26 7.22
CA ALA A 165 -18.87 -25.90 7.72
C ALA A 165 -19.31 -24.90 6.66
N ILE A 166 -19.45 -25.33 5.41
CA ILE A 166 -19.81 -24.44 4.32
C ILE A 166 -21.31 -24.15 4.37
N ARG A 167 -21.67 -22.88 4.46
CA ARG A 167 -23.05 -22.40 4.45
C ARG A 167 -23.42 -21.83 3.09
N PRO A 168 -24.71 -21.56 2.85
CA PRO A 168 -25.10 -20.93 1.58
C PRO A 168 -24.61 -19.50 1.44
N GLN A 169 -24.22 -18.86 2.53
CA GLN A 169 -23.65 -17.53 2.50
C GLN A 169 -22.14 -17.55 2.38
N THR A 170 -21.52 -18.74 2.34
CA THR A 170 -20.07 -18.87 2.27
C THR A 170 -19.59 -18.49 0.88
N LYS A 171 -18.69 -17.53 0.81
CA LYS A 171 -18.12 -17.10 -0.46
C LYS A 171 -16.65 -17.44 -0.59
N VAL A 172 -15.93 -17.54 0.51
CA VAL A 172 -14.49 -17.76 0.53
C VAL A 172 -14.15 -18.81 1.57
N VAL A 173 -13.32 -19.76 1.16
CA VAL A 173 -12.62 -20.68 2.04
C VAL A 173 -11.15 -20.32 1.97
N PHE A 174 -10.56 -19.94 3.11
CA PHE A 174 -9.20 -19.42 3.17
C PHE A 174 -8.29 -20.42 3.89
N SER A 175 -7.52 -21.17 3.12
CA SER A 175 -6.56 -22.11 3.66
C SER A 175 -5.18 -21.46 3.74
N GLU A 176 -4.31 -22.08 4.53
CA GLU A 176 -2.92 -21.66 4.63
C GLU A 176 -2.08 -22.90 4.86
N SER A 177 -1.08 -23.13 4.01
CA SER A 177 -0.31 -24.36 4.16
C SER A 177 1.14 -24.17 3.74
N PRO A 178 2.12 -24.49 4.60
CA PRO A 178 1.97 -24.83 6.02
C PRO A 178 1.47 -23.63 6.82
N CYS A 179 0.92 -23.89 8.00
CA CYS A 179 0.37 -22.82 8.82
C CYS A 179 1.43 -22.15 9.67
N ASN A 180 1.20 -20.88 9.93
CA ASN A 180 2.10 -20.06 10.72
C ASN A 180 1.47 -19.87 12.09
N PRO A 181 2.11 -20.31 13.19
CA PRO A 181 3.43 -20.95 13.22
C PRO A 181 3.42 -22.48 13.43
N THR A 182 2.23 -23.10 13.55
CA THR A 182 2.16 -24.51 13.92
C THR A 182 2.67 -25.44 12.83
N LEU A 183 2.76 -24.98 11.58
CA LEU A 183 3.15 -25.82 10.46
C LEU A 183 2.15 -26.95 10.20
N TYR A 184 0.90 -26.79 10.64
CA TYR A 184 -0.15 -27.68 10.18
C TYR A 184 -0.25 -27.58 8.66
N LEU A 185 -0.57 -28.70 8.02
CA LEU A 185 -0.82 -28.76 6.59
C LEU A 185 -2.32 -28.83 6.31
N ALA A 186 -2.71 -28.29 5.16
CA ALA A 186 -4.05 -28.44 4.63
C ALA A 186 -3.98 -29.18 3.30
N ASP A 187 -4.91 -30.10 3.06
CA ASP A 187 -4.90 -30.83 1.80
C ASP A 187 -5.53 -29.95 0.72
N ILE A 188 -4.68 -29.25 -0.02
CA ILE A 188 -5.16 -28.24 -0.95
C ILE A 188 -6.06 -28.87 -2.01
N GLU A 189 -5.72 -30.07 -2.47
CA GLU A 189 -6.47 -30.67 -3.57
C GLU A 189 -7.87 -31.09 -3.13
N ALA A 190 -8.00 -31.74 -1.97
CA ALA A 190 -9.31 -32.14 -1.49
C ALA A 190 -10.19 -30.94 -1.17
N ILE A 191 -9.62 -29.93 -0.51
CA ILE A 191 -10.38 -28.73 -0.20
C ILE A 191 -10.83 -28.05 -1.49
N SER A 192 -9.97 -28.03 -2.50
CA SER A 192 -10.36 -27.42 -3.76
C SER A 192 -11.49 -28.20 -4.42
N GLN A 193 -11.48 -29.53 -4.34
CA GLN A 193 -12.59 -30.28 -4.90
C GLN A 193 -13.88 -29.98 -4.17
N ILE A 194 -13.81 -29.88 -2.84
CA ILE A 194 -14.98 -29.51 -2.03
C ILE A 194 -15.53 -28.15 -2.47
N CYS A 195 -14.66 -27.13 -2.57
CA CYS A 195 -15.14 -25.79 -2.96
C CYS A 195 -15.65 -25.76 -4.40
N LYS A 196 -15.04 -26.53 -5.30
CA LYS A 196 -15.57 -26.60 -6.66
C LYS A 196 -16.99 -27.14 -6.66
N GLU A 197 -17.22 -28.28 -6.01
CA GLU A 197 -18.57 -28.82 -5.96
C GLU A 197 -19.54 -27.82 -5.32
N LYS A 198 -19.06 -27.06 -4.33
CA LYS A 198 -19.87 -26.08 -3.64
C LYS A 198 -19.87 -24.70 -4.30
N LYS A 199 -19.13 -24.52 -5.38
CA LYS A 199 -19.02 -23.22 -6.05
C LYS A 199 -18.72 -22.11 -5.04
N VAL A 200 -17.71 -22.36 -4.23
CA VAL A 200 -17.17 -21.37 -3.30
C VAL A 200 -15.72 -21.12 -3.68
N LEU A 201 -15.26 -19.89 -3.47
CA LEU A 201 -13.91 -19.55 -3.88
C LEU A 201 -12.91 -20.07 -2.86
N HIS A 202 -11.87 -20.75 -3.34
CA HIS A 202 -10.80 -21.25 -2.48
C HIS A 202 -9.59 -20.35 -2.65
N VAL A 203 -9.16 -19.72 -1.57
CA VAL A 203 -7.95 -18.93 -1.54
C VAL A 203 -6.98 -19.64 -0.62
N CYS A 204 -5.73 -19.74 -1.04
CA CYS A 204 -4.71 -20.41 -0.27
C CYS A 204 -3.54 -19.47 -0.07
N ASP A 205 -3.13 -19.32 1.18
CA ASP A 205 -1.92 -18.60 1.55
C ASP A 205 -0.80 -19.63 1.65
N SER A 206 -0.01 -19.76 0.58
CA SER A 206 1.10 -20.71 0.57
C SER A 206 2.43 -20.03 0.87
N THR A 207 2.40 -18.97 1.68
CA THR A 207 3.62 -18.24 1.99
C THR A 207 4.71 -19.15 2.55
N PHE A 208 4.35 -20.02 3.50
CA PHE A 208 5.35 -20.88 4.11
C PHE A 208 5.90 -21.92 3.14
N ALA A 209 5.14 -22.29 2.11
CA ALA A 209 5.58 -23.34 1.20
C ALA A 209 6.53 -22.81 0.13
N THR A 210 6.21 -21.66 -0.45
CA THR A 210 6.83 -21.12 -1.66
C THR A 210 6.36 -21.97 -2.83
N PRO A 211 6.26 -21.41 -4.04
CA PRO A 211 5.84 -22.24 -5.18
C PRO A 211 6.83 -23.33 -5.51
N TYR A 212 8.04 -23.25 -4.96
CA TYR A 212 9.04 -24.26 -5.21
C TYR A 212 8.73 -25.57 -4.51
N MET A 213 7.90 -25.53 -3.47
CA MET A 213 7.52 -26.74 -2.76
C MET A 213 6.05 -27.10 -2.93
N MET A 214 5.17 -26.11 -3.11
CA MET A 214 3.75 -26.35 -3.32
C MET A 214 3.14 -25.18 -4.09
N ARG A 215 2.44 -25.49 -5.17
CA ARG A 215 1.71 -24.47 -5.92
C ARG A 215 0.22 -24.76 -5.85
N PRO A 216 -0.54 -24.05 -5.00
CA PRO A 216 -1.95 -24.39 -4.83
C PRO A 216 -2.78 -24.23 -6.08
N LEU A 217 -2.39 -23.34 -6.99
CA LEU A 217 -3.11 -23.23 -8.25
C LEU A 217 -3.07 -24.55 -9.03
N ASP A 218 -1.94 -25.24 -9.03
CA ASP A 218 -1.88 -26.57 -9.65
C ASP A 218 -2.78 -27.58 -8.95
N LEU A 219 -3.15 -27.33 -7.70
CA LEU A 219 -3.94 -28.27 -6.92
C LEU A 219 -5.42 -27.89 -6.85
N GLY A 220 -5.84 -26.85 -7.58
CA GLY A 220 -7.23 -26.48 -7.70
C GLY A 220 -7.64 -25.21 -6.98
N ALA A 221 -6.74 -24.58 -6.23
CA ALA A 221 -7.08 -23.33 -5.58
C ALA A 221 -7.52 -22.31 -6.63
N ASP A 222 -8.47 -21.48 -6.25
CA ASP A 222 -8.88 -20.40 -7.14
C ASP A 222 -7.94 -19.21 -7.05
N ILE A 223 -7.42 -18.91 -5.87
CA ILE A 223 -6.51 -17.78 -5.70
C ILE A 223 -5.39 -18.19 -4.77
N VAL A 224 -4.19 -17.67 -5.05
CA VAL A 224 -3.08 -17.80 -4.12
C VAL A 224 -2.74 -16.41 -3.60
N VAL A 225 -2.50 -16.32 -2.30
CA VAL A 225 -1.98 -15.11 -1.68
C VAL A 225 -0.58 -15.42 -1.15
N GLN A 226 0.33 -14.47 -1.33
CA GLN A 226 1.71 -14.62 -0.92
C GLN A 226 2.16 -13.36 -0.23
N SER A 227 2.82 -13.50 0.91
CA SER A 227 3.65 -12.41 1.40
C SER A 227 5.01 -12.57 0.74
N THR A 228 5.28 -11.76 -0.27
CA THR A 228 6.60 -11.78 -0.90
C THR A 228 7.67 -11.29 0.05
N THR A 229 7.29 -10.64 1.15
CA THR A 229 8.24 -10.28 2.18
C THR A 229 9.14 -11.44 2.55
N LYS A 230 8.57 -12.64 2.64
CA LYS A 230 9.21 -13.75 3.32
C LYS A 230 10.26 -14.46 2.48
N TYR A 231 9.83 -15.41 1.65
CA TYR A 231 10.77 -16.19 0.84
C TYR A 231 11.05 -15.57 -0.53
N TYR A 232 10.02 -15.02 -1.20
CA TYR A 232 10.24 -14.36 -2.49
C TYR A 232 11.42 -13.40 -2.39
N ASP A 233 11.41 -12.55 -1.37
CA ASP A 233 12.51 -11.68 -0.96
C ASP A 233 13.62 -12.52 -0.33
N GLY A 234 13.33 -13.15 0.80
CA GLY A 234 14.30 -13.96 1.48
C GLY A 234 15.56 -13.23 1.94
N HIS A 235 15.54 -11.91 1.89
CA HIS A 235 16.73 -11.15 2.25
C HIS A 235 16.46 -10.12 3.35
N ASN A 236 15.27 -10.12 3.94
CA ASN A 236 14.92 -9.16 4.98
C ASN A 236 14.90 -7.74 4.45
N CYS A 237 14.74 -7.58 3.15
CA CYS A 237 14.91 -6.29 2.52
C CYS A 237 13.60 -5.54 2.32
N THR A 238 12.64 -6.17 1.63
CA THR A 238 11.41 -5.52 1.20
C THR A 238 10.21 -6.06 1.96
N LEU A 239 9.11 -5.32 1.85
CA LEU A 239 7.77 -5.81 2.12
C LEU A 239 7.07 -6.00 0.79
N GLY A 240 6.17 -6.99 0.73
CA GLY A 240 5.41 -7.15 -0.49
C GLY A 240 4.31 -8.17 -0.34
N GLY A 241 3.30 -8.08 -1.20
CA GLY A 241 2.28 -9.10 -1.29
C GLY A 241 1.94 -9.42 -2.73
N ALA A 242 1.33 -10.57 -2.94
CA ALA A 242 0.93 -10.96 -4.28
C ALA A 242 -0.35 -11.79 -4.21
N VAL A 243 -1.21 -11.54 -5.18
CA VAL A 243 -2.42 -12.32 -5.38
C VAL A 243 -2.34 -12.87 -6.79
N ILE A 244 -2.27 -14.19 -6.89
CA ILE A 244 -2.21 -14.89 -8.16
C ILE A 244 -3.59 -15.50 -8.43
N SER A 245 -4.16 -15.15 -9.57
CA SER A 245 -5.52 -15.48 -9.94
C SER A 245 -5.50 -16.55 -11.01
N SER A 246 -6.35 -17.56 -10.83
CA SER A 246 -6.48 -18.67 -11.77
C SER A 246 -7.19 -18.25 -13.04
N THR A 247 -8.07 -17.25 -12.96
CA THR A 247 -8.90 -16.87 -14.10
C THR A 247 -8.80 -15.37 -14.33
N LYS A 248 -9.20 -14.95 -15.53
CA LYS A 248 -9.18 -13.53 -15.85
C LYS A 248 -10.24 -12.75 -15.09
N GLU A 249 -11.42 -13.34 -14.88
CA GLU A 249 -12.45 -12.67 -14.09
C GLU A 249 -11.90 -12.29 -12.72
N ILE A 250 -11.33 -13.28 -12.01
CA ILE A 250 -10.82 -13.05 -10.66
C ILE A 250 -9.70 -12.03 -10.67
N HIS A 251 -8.81 -12.13 -11.65
CA HIS A 251 -7.67 -11.22 -11.71
C HIS A 251 -8.12 -9.80 -12.00
N ASP A 252 -9.10 -9.62 -12.87
CA ASP A 252 -9.60 -8.29 -13.18
C ASP A 252 -10.25 -7.67 -11.96
N LYS A 253 -11.01 -8.48 -11.20
CA LYS A 253 -11.57 -7.98 -9.96
C LYS A 253 -10.48 -7.50 -9.01
N VAL A 254 -9.47 -8.33 -8.78
CA VAL A 254 -8.38 -7.94 -7.89
C VAL A 254 -7.73 -6.66 -8.38
N PHE A 255 -7.46 -6.58 -9.67
CA PHE A 255 -6.79 -5.41 -10.24
C PHE A 255 -7.59 -4.16 -9.99
N PHE A 256 -8.87 -4.19 -10.32
CA PHE A 256 -9.73 -3.04 -10.10
C PHE A 256 -9.70 -2.63 -8.63
N LEU A 257 -9.83 -3.60 -7.73
CA LEU A 257 -9.86 -3.24 -6.32
C LEU A 257 -8.52 -2.71 -5.84
N ARG A 258 -7.41 -3.21 -6.38
CA ARG A 258 -6.11 -2.68 -6.00
C ARG A 258 -6.00 -1.22 -6.40
N ASN A 259 -6.46 -0.91 -7.61
CA ASN A 259 -6.46 0.49 -8.03
C ASN A 259 -7.28 1.33 -7.07
N VAL A 260 -8.40 0.79 -6.60
CA VAL A 260 -9.28 1.59 -5.74
C VAL A 260 -8.70 1.71 -4.33
N MET A 261 -8.01 0.68 -3.85
CA MET A 261 -7.44 0.63 -2.51
C MET A 261 -6.13 1.38 -2.40
N GLY A 262 -5.48 1.67 -3.53
CA GLY A 262 -4.17 2.31 -3.50
C GLY A 262 -3.08 1.54 -2.77
N ASN A 263 -3.08 0.21 -2.84
CA ASN A 263 -2.10 -0.59 -2.09
C ASN A 263 -1.19 -1.37 -3.04
N ILE A 264 -0.98 -0.84 -4.24
CA ILE A 264 -0.07 -1.46 -5.17
C ILE A 264 1.36 -1.44 -4.61
N MET A 265 2.18 -2.36 -5.09
CA MET A 265 3.60 -2.41 -4.78
C MET A 265 4.36 -1.31 -5.51
N SER A 266 5.43 -0.83 -4.89
CA SER A 266 6.25 0.18 -5.56
C SER A 266 7.17 -0.46 -6.58
N ALA A 267 7.59 0.36 -7.56
CA ALA A 267 8.47 -0.14 -8.61
C ALA A 267 9.83 -0.55 -8.06
N GLN A 268 10.31 0.15 -7.04
CA GLN A 268 11.61 -0.18 -6.44
C GLN A 268 11.54 -1.52 -5.72
N THR A 269 10.51 -1.71 -4.88
CA THR A 269 10.27 -3.00 -4.26
C THR A 269 10.23 -4.11 -5.30
N ALA A 270 9.44 -3.90 -6.37
CA ALA A 270 9.32 -4.91 -7.40
C ALA A 270 10.67 -5.20 -8.03
N PHE A 271 11.50 -4.17 -8.22
CA PHE A 271 12.84 -4.43 -8.74
C PHE A 271 13.63 -5.32 -7.80
N TYR A 272 13.60 -5.00 -6.51
CA TYR A 272 14.27 -5.83 -5.51
C TYR A 272 13.80 -7.27 -5.59
N THR A 273 12.49 -7.48 -5.69
CA THR A 273 11.93 -8.82 -5.63
C THR A 273 12.18 -9.58 -6.92
N LEU A 274 12.10 -8.90 -8.07
CA LEU A 274 12.56 -9.49 -9.31
C LEU A 274 13.99 -9.98 -9.16
N LEU A 275 14.81 -9.21 -8.44
CA LEU A 275 16.19 -9.64 -8.22
C LEU A 275 16.24 -10.89 -7.34
N THR A 276 15.60 -10.85 -6.17
CA THR A 276 15.75 -11.92 -5.18
C THR A 276 15.05 -13.22 -5.56
N LEU A 277 13.97 -13.15 -6.34
CA LEU A 277 13.30 -14.35 -6.82
C LEU A 277 14.23 -15.25 -7.60
N LYS A 278 15.21 -14.68 -8.30
CA LYS A 278 16.06 -15.49 -9.17
C LYS A 278 16.72 -16.62 -8.40
N THR A 279 17.06 -16.39 -7.13
CA THR A 279 17.72 -17.39 -6.31
C THR A 279 16.78 -18.13 -5.37
N LEU A 280 15.47 -17.92 -5.47
CA LEU A 280 14.57 -18.63 -4.57
C LEU A 280 14.81 -20.13 -4.57
N PRO A 281 14.94 -20.82 -5.71
CA PRO A 281 15.13 -22.28 -5.65
C PRO A 281 16.37 -22.70 -4.86
N ILE A 282 17.53 -22.08 -5.10
CA ILE A 282 18.74 -22.52 -4.41
C ILE A 282 18.72 -22.07 -2.95
N ARG A 283 18.16 -20.89 -2.67
CA ARG A 283 17.96 -20.47 -1.29
C ARG A 283 17.12 -21.49 -0.53
N VAL A 284 16.00 -21.91 -1.10
CA VAL A 284 15.09 -22.80 -0.38
C VAL A 284 15.67 -24.19 -0.27
N GLU A 285 16.39 -24.65 -1.31
CA GLU A 285 17.13 -25.90 -1.20
C GLU A 285 18.06 -25.85 0.01
N LYS A 286 18.82 -24.75 0.16
CA LYS A 286 19.77 -24.69 1.25
C LYS A 286 19.07 -24.59 2.60
N GLN A 287 18.09 -23.70 2.71
CA GLN A 287 17.35 -23.55 3.94
C GLN A 287 16.73 -24.87 4.38
N SER A 288 16.14 -25.62 3.45
CA SER A 288 15.51 -26.89 3.78
C SER A 288 16.53 -27.96 4.15
N ALA A 289 17.69 -27.99 3.49
CA ALA A 289 18.75 -28.90 3.95
C ALA A 289 19.13 -28.60 5.40
N ASN A 290 19.42 -27.32 5.67
CA ASN A 290 19.72 -26.89 7.03
C ASN A 290 18.60 -27.23 7.99
N ALA A 291 17.35 -27.06 7.56
CA ALA A 291 16.23 -27.28 8.46
C ALA A 291 16.09 -28.74 8.79
N GLN A 292 16.30 -29.61 7.79
CA GLN A 292 16.25 -31.04 8.04
C GLN A 292 17.28 -31.42 9.08
N LYS A 293 18.50 -30.89 8.93
CA LYS A 293 19.55 -31.21 9.88
C LYS A 293 19.24 -30.67 11.28
N ILE A 294 18.70 -29.46 11.36
CA ILE A 294 18.40 -28.87 12.66
C ILE A 294 17.26 -29.63 13.33
N ALA A 295 16.25 -30.03 12.55
CA ALA A 295 15.14 -30.77 13.12
C ALA A 295 15.61 -32.11 13.65
N GLU A 296 16.47 -32.80 12.91
CA GLU A 296 17.01 -34.07 13.41
C GLU A 296 17.81 -33.86 14.68
N PHE A 297 18.59 -32.79 14.73
CA PHE A 297 19.33 -32.47 15.95
C PHE A 297 18.39 -32.26 17.13
N LEU A 298 17.37 -31.43 16.94
CA LEU A 298 16.46 -31.13 18.04
C LEU A 298 15.65 -32.35 18.43
N SER A 299 15.39 -33.25 17.48
CA SER A 299 14.61 -34.45 17.76
C SER A 299 15.30 -35.31 18.79
N LYS A 300 16.59 -35.09 19.02
CA LYS A 300 17.38 -35.91 19.91
C LYS A 300 17.77 -35.19 21.19
N HIS A 301 17.52 -33.89 21.28
CA HIS A 301 17.93 -33.11 22.45
C HIS A 301 16.99 -33.38 23.61
N HIS A 302 17.56 -33.67 24.78
N HIS A 302 17.56 -33.67 24.78
CA HIS A 302 16.75 -34.03 25.93
CA HIS A 302 16.75 -34.03 25.92
C HIS A 302 16.00 -32.84 26.53
C HIS A 302 15.96 -32.85 26.47
N LYS A 303 16.37 -31.61 26.17
CA LYS A 303 15.64 -30.43 26.62
C LYS A 303 14.41 -30.14 25.77
N VAL A 304 14.22 -30.85 24.66
CA VAL A 304 13.21 -30.50 23.67
C VAL A 304 12.07 -31.48 23.80
N GLU A 305 10.86 -30.97 24.05
CA GLU A 305 9.68 -31.82 24.14
C GLU A 305 9.31 -32.38 22.78
N HIS A 306 8.94 -31.52 21.85
CA HIS A 306 8.53 -31.93 20.52
C HIS A 306 9.22 -31.10 19.46
N VAL A 307 9.38 -31.71 18.29
CA VAL A 307 9.87 -31.02 17.11
C VAL A 307 8.85 -31.18 16.00
N ILE A 308 8.55 -30.09 15.31
CA ILE A 308 7.61 -30.07 14.20
C ILE A 308 8.41 -29.67 12.98
N TYR A 309 8.60 -30.61 12.08
CA TYR A 309 9.15 -30.36 10.76
C TYR A 309 8.63 -31.42 9.82
N PRO A 310 8.07 -31.01 8.68
CA PRO A 310 7.46 -31.99 7.76
C PRO A 310 8.41 -33.10 7.34
N GLY A 311 9.71 -32.90 7.50
CA GLY A 311 10.72 -33.79 7.00
C GLY A 311 11.19 -34.86 7.96
N ILE A 312 10.67 -34.91 9.18
CA ILE A 312 11.06 -35.97 10.11
C ILE A 312 9.90 -36.94 10.31
N PRO A 313 10.17 -38.20 10.65
CA PRO A 313 9.07 -39.17 10.76
C PRO A 313 8.05 -38.82 11.83
N SER A 314 8.44 -38.05 12.85
CA SER A 314 7.49 -37.66 13.89
C SER A 314 6.47 -36.64 13.42
N PHE A 315 6.52 -36.21 12.16
CA PHE A 315 5.57 -35.21 11.68
C PHE A 315 4.19 -35.84 11.56
N PRO A 316 3.17 -35.30 12.23
CA PRO A 316 1.85 -35.95 12.21
C PRO A 316 1.29 -36.13 10.82
N GLN A 317 1.42 -35.14 9.94
CA GLN A 317 0.84 -35.19 8.60
C GLN A 317 1.88 -35.60 7.56
N LYS A 318 2.76 -36.56 7.87
CA LYS A 318 3.82 -36.92 6.95
C LYS A 318 3.29 -37.47 5.64
N GLU A 319 2.11 -38.12 5.64
CA GLU A 319 1.56 -38.61 4.37
C GLU A 319 1.19 -37.44 3.46
N LEU A 320 0.40 -36.50 3.98
CA LEU A 320 0.09 -35.30 3.22
C LEU A 320 1.37 -34.55 2.85
N ALA A 321 2.35 -34.50 3.76
CA ALA A 321 3.61 -33.84 3.44
C ALA A 321 4.25 -34.47 2.21
N LEU A 322 4.39 -35.80 2.21
CA LEU A 322 4.99 -36.47 1.07
C LEU A 322 4.15 -36.34 -0.19
N LYS A 323 2.84 -36.20 -0.06
CA LYS A 323 2.00 -36.10 -1.26
C LYS A 323 2.05 -34.70 -1.87
N GLN A 324 2.07 -33.67 -1.03
CA GLN A 324 1.82 -32.30 -1.44
C GLN A 324 3.08 -31.46 -1.59
N HIS A 325 4.12 -31.76 -0.83
CA HIS A 325 5.36 -31.02 -0.93
C HIS A 325 6.25 -31.59 -2.04
N LYS A 326 6.89 -30.69 -2.78
CA LYS A 326 7.79 -31.07 -3.85
C LYS A 326 9.17 -30.47 -3.60
N ASN A 327 10.19 -31.26 -3.93
CA ASN A 327 11.59 -30.86 -3.81
C ASN A 327 12.11 -30.88 -2.38
N VAL A 328 11.41 -30.22 -1.47
CA VAL A 328 11.94 -29.95 -0.14
C VAL A 328 10.79 -30.01 0.86
N HIS A 329 11.14 -29.89 2.14
CA HIS A 329 10.14 -29.75 3.19
C HIS A 329 10.19 -28.39 3.88
N GLY A 330 11.00 -27.47 3.37
CA GLY A 330 10.92 -26.08 3.75
C GLY A 330 11.92 -25.67 4.80
N GLY A 331 12.05 -24.35 4.95
CA GLY A 331 12.97 -23.74 5.88
C GLY A 331 12.40 -23.43 7.25
N MET A 332 11.13 -23.73 7.49
CA MET A 332 10.49 -23.42 8.75
C MET A 332 10.36 -24.67 9.59
N LEU A 333 10.60 -24.54 10.89
CA LEU A 333 10.30 -25.60 11.84
C LEU A 333 9.85 -24.99 13.16
N ALA A 334 9.40 -25.84 14.06
CA ALA A 334 8.96 -25.38 15.37
C ALA A 334 9.35 -26.43 16.40
N PHE A 335 9.44 -26.01 17.65
CA PHE A 335 9.75 -26.99 18.68
C PHE A 335 9.34 -26.46 20.04
N GLU A 336 9.12 -27.40 20.95
CA GLU A 336 8.72 -27.10 22.31
C GLU A 336 9.84 -27.46 23.26
N VAL A 337 10.19 -26.52 24.12
CA VAL A 337 11.24 -26.72 25.12
C VAL A 337 10.57 -27.13 26.43
N LYS A 338 11.17 -28.09 27.11
CA LYS A 338 10.63 -28.54 28.40
C LYS A 338 10.78 -27.44 29.44
N GLY A 339 9.72 -27.20 30.21
CA GLY A 339 9.71 -26.20 31.24
C GLY A 339 8.78 -25.04 31.00
N GLY A 340 8.19 -24.96 29.81
CA GLY A 340 7.15 -23.98 29.51
C GLY A 340 7.66 -22.61 29.13
N THR A 341 6.90 -21.59 29.51
CA THR A 341 7.16 -20.23 29.04
C THR A 341 8.51 -19.73 29.53
N GLU A 342 8.81 -19.90 30.83
CA GLU A 342 10.04 -19.35 31.36
C GLU A 342 11.26 -20.01 30.74
N ALA A 343 11.19 -21.32 30.51
CA ALA A 343 12.25 -22.01 29.78
C ALA A 343 12.42 -21.44 28.38
N GLY A 344 11.32 -21.33 27.63
CA GLY A 344 11.41 -20.76 26.30
C GLY A 344 12.02 -19.37 26.30
N ILE A 345 11.68 -18.57 27.32
CA ILE A 345 12.16 -17.19 27.38
C ILE A 345 13.65 -17.15 27.68
N ARG A 346 14.11 -18.01 28.60
CA ARG A 346 15.54 -18.03 28.87
C ARG A 346 16.32 -18.50 27.64
N MET A 347 15.79 -19.51 26.95
CA MET A 347 16.41 -19.92 25.70
C MET A 347 16.51 -18.75 24.74
N MET A 348 15.39 -18.06 24.50
CA MET A 348 15.40 -16.93 23.59
C MET A 348 16.43 -15.89 24.00
N ASN A 349 16.42 -15.50 25.27
CA ASN A 349 17.38 -14.52 25.74
C ASN A 349 18.82 -14.98 25.52
N HIS A 350 19.05 -16.28 25.41
CA HIS A 350 20.42 -16.77 25.27
C HIS A 350 20.71 -17.43 23.93
N VAL A 351 19.91 -17.17 22.90
CA VAL A 351 20.26 -17.67 21.57
C VAL A 351 21.32 -16.74 20.98
N PRO A 352 22.49 -17.25 20.62
CA PRO A 352 23.56 -16.37 20.18
C PRO A 352 23.50 -16.15 18.67
N ARG A 353 24.29 -15.20 18.22
CA ARG A 353 24.52 -15.09 16.80
C ARG A 353 25.05 -16.44 16.31
N PRO A 354 24.80 -16.83 15.07
CA PRO A 354 24.23 -16.04 13.97
C PRO A 354 22.72 -15.86 14.03
N TRP A 355 22.06 -16.49 15.00
CA TRP A 355 20.62 -16.35 15.13
C TRP A 355 20.25 -14.90 15.38
N SER A 356 19.13 -14.48 14.81
CA SER A 356 18.53 -13.19 15.08
C SER A 356 17.20 -13.41 15.77
N LEU A 357 16.99 -12.74 16.90
CA LEU A 357 15.72 -12.76 17.60
C LEU A 357 14.86 -11.61 17.06
N CYS A 358 13.88 -11.93 16.24
CA CYS A 358 13.04 -10.88 15.64
C CYS A 358 11.81 -11.53 15.04
N GLU A 359 11.07 -10.77 14.24
CA GLU A 359 9.95 -11.28 13.48
C GLU A 359 10.43 -11.64 12.07
N ASN A 360 9.48 -11.92 11.17
CA ASN A 360 9.81 -12.28 9.80
C ASN A 360 10.38 -13.68 9.71
N LEU A 361 10.47 -14.22 8.50
CA LEU A 361 10.86 -15.59 8.26
C LEU A 361 11.21 -15.73 6.78
N GLY A 362 11.82 -16.86 6.45
CA GLY A 362 12.18 -17.14 5.08
C GLY A 362 13.45 -16.48 4.59
N ALA A 363 14.21 -15.84 5.47
CA ALA A 363 15.36 -15.06 5.05
C ALA A 363 16.64 -15.90 5.06
N CYS A 364 17.65 -15.44 4.32
CA CYS A 364 18.99 -16.01 4.45
C CYS A 364 19.49 -15.95 5.89
N GLU A 365 19.07 -14.94 6.67
CA GLU A 365 19.44 -14.82 8.07
C GLU A 365 18.50 -15.67 8.91
N SER A 366 19.07 -16.60 9.68
CA SER A 366 18.28 -17.45 10.55
C SER A 366 17.63 -16.63 11.67
N ILE A 367 16.36 -16.88 11.90
CA ILE A 367 15.55 -16.09 12.82
C ILE A 367 14.82 -17.04 13.75
N ILE A 368 14.73 -16.67 15.01
CA ILE A 368 14.03 -17.47 15.98
C ILE A 368 13.10 -16.58 16.78
N THR A 369 11.96 -17.13 17.18
CA THR A 369 11.01 -16.35 17.96
C THR A 369 10.07 -17.31 18.68
N CYS A 370 9.46 -16.80 19.75
CA CYS A 370 8.48 -17.56 20.53
C CYS A 370 7.24 -16.67 20.68
N PRO A 371 6.29 -16.82 19.76
CA PRO A 371 5.20 -15.82 19.67
C PRO A 371 4.41 -15.66 20.97
N ALA A 372 4.48 -16.61 21.90
CA ALA A 372 3.69 -16.50 23.12
C ALA A 372 4.10 -15.26 23.93
N VAL A 373 5.39 -15.00 24.04
CA VAL A 373 5.87 -13.91 24.87
C VAL A 373 6.74 -12.93 24.08
N ARG A 381 -3.59 -16.66 27.79
CA ARG A 381 -4.45 -16.63 26.62
C ARG A 381 -4.91 -18.03 26.22
N GLU A 382 -6.05 -18.45 26.76
CA GLU A 382 -6.50 -19.82 26.60
C GLU A 382 -6.79 -20.18 25.15
N ASP A 383 -6.90 -19.19 24.26
CA ASP A 383 -7.10 -19.46 22.84
C ASP A 383 -5.80 -19.79 22.14
N ARG A 384 -4.66 -19.51 22.78
CA ARG A 384 -3.39 -19.99 22.24
C ARG A 384 -3.38 -21.50 22.12
N LEU A 385 -3.69 -22.21 23.20
CA LEU A 385 -3.69 -23.67 23.14
C LEU A 385 -4.87 -24.22 22.33
N LYS A 386 -5.85 -23.38 22.01
CA LYS A 386 -6.82 -23.78 20.99
C LYS A 386 -6.23 -23.61 19.59
N VAL A 387 -5.31 -22.68 19.41
CA VAL A 387 -4.64 -22.45 18.14
C VAL A 387 -3.32 -23.21 18.09
N GLY A 388 -3.06 -24.03 19.12
CA GLY A 388 -1.93 -24.93 19.12
C GLY A 388 -0.59 -24.32 19.48
N ILE A 389 -0.54 -23.07 19.90
CA ILE A 389 0.72 -22.42 20.26
C ILE A 389 0.86 -22.51 21.77
N THR A 390 1.73 -23.40 22.22
CA THR A 390 1.87 -23.73 23.63
C THR A 390 2.86 -22.81 24.32
N ASP A 391 3.20 -23.15 25.57
CA ASP A 391 4.06 -22.30 26.39
C ASP A 391 5.46 -22.20 25.79
N GLY A 392 6.12 -23.34 25.58
CA GLY A 392 7.47 -23.35 25.06
C GLY A 392 7.53 -23.54 23.56
N PHE A 393 6.54 -23.02 22.85
CA PHE A 393 6.51 -23.13 21.40
C PHE A 393 7.46 -22.11 20.80
N ILE A 394 8.41 -22.57 19.99
CA ILE A 394 9.42 -21.74 19.36
C ILE A 394 9.32 -21.97 17.86
N ARG A 395 9.01 -20.91 17.12
CA ARG A 395 9.05 -20.94 15.67
C ARG A 395 10.45 -20.55 15.22
N VAL A 396 10.96 -21.29 14.23
CA VAL A 396 12.33 -21.17 13.77
C VAL A 396 12.33 -21.05 12.26
N SER A 397 12.91 -19.97 11.74
CA SER A 397 13.19 -19.80 10.33
C SER A 397 14.66 -20.08 10.11
N VAL A 398 14.94 -21.09 9.30
CA VAL A 398 16.31 -21.50 9.02
C VAL A 398 16.79 -20.76 7.78
N GLY A 399 17.93 -20.11 7.90
CA GLY A 399 18.55 -19.41 6.81
C GLY A 399 19.56 -20.30 6.09
N ILE A 400 20.53 -19.65 5.47
CA ILE A 400 21.51 -20.39 4.69
C ILE A 400 22.90 -20.30 5.31
N GLU A 401 22.98 -20.04 6.61
CA GLU A 401 24.27 -20.07 7.27
C GLU A 401 24.76 -21.52 7.36
N ASP A 402 26.01 -21.68 7.77
CA ASP A 402 26.52 -23.01 8.04
C ASP A 402 25.70 -23.63 9.17
N VAL A 403 25.18 -24.83 8.93
CA VAL A 403 24.26 -25.45 9.88
C VAL A 403 24.94 -25.74 11.19
N ASN A 404 26.26 -25.85 11.20
CA ASN A 404 26.95 -26.10 12.46
C ASN A 404 26.88 -24.89 13.38
N ASP A 405 27.03 -23.67 12.84
CA ASP A 405 26.86 -22.49 13.66
C ASP A 405 25.45 -22.43 14.22
N LEU A 406 24.45 -22.76 13.40
CA LEU A 406 23.06 -22.69 13.85
C LEU A 406 22.79 -23.70 14.94
N ILE A 407 23.25 -24.94 14.75
CA ILE A 407 23.04 -25.99 15.74
C ILE A 407 23.80 -25.69 17.03
N ASP A 408 25.05 -25.22 16.91
CA ASP A 408 25.81 -24.87 18.10
C ASP A 408 25.13 -23.77 18.90
N GLY A 409 24.65 -22.73 18.21
CA GLY A 409 23.89 -21.70 18.91
C GLY A 409 22.65 -22.25 19.59
N LEU A 410 21.88 -23.09 18.88
CA LEU A 410 20.69 -23.68 19.48
C LEU A 410 21.05 -24.52 20.71
N ASP A 411 22.17 -25.25 20.64
CA ASP A 411 22.56 -26.13 21.73
C ASP A 411 22.97 -25.34 22.95
N TYR A 412 23.73 -24.25 22.77
CA TYR A 412 24.01 -23.35 23.88
C TYR A 412 22.72 -22.79 24.47
N ALA A 413 21.88 -22.19 23.63
CA ALA A 413 20.63 -21.63 24.10
C ALA A 413 19.87 -22.63 24.95
N LEU A 414 19.78 -23.87 24.46
CA LEU A 414 19.09 -24.93 25.18
C LEU A 414 19.79 -25.26 26.49
N SER A 415 21.11 -25.16 26.53
CA SER A 415 21.81 -25.35 27.79
C SER A 415 21.41 -24.31 28.81
N LYS A 416 20.90 -23.17 28.37
CA LYS A 416 20.41 -22.17 29.31
C LYS A 416 18.92 -22.30 29.61
N ALA A 417 18.21 -23.22 28.97
CA ALA A 417 16.81 -23.47 29.28
C ALA A 417 16.71 -24.50 30.40
N VAL B 22 24.12 26.43 25.01
CA VAL B 22 23.72 25.82 23.75
C VAL B 22 24.95 25.53 22.90
N LYS B 23 25.06 24.30 22.40
CA LYS B 23 26.17 23.91 21.55
C LYS B 23 25.66 23.56 20.17
N ALA B 24 26.59 23.50 19.22
CA ALA B 24 26.28 23.05 17.87
C ALA B 24 25.55 21.72 17.90
N GLY B 25 24.43 21.65 17.19
CA GLY B 25 23.54 20.51 17.22
C GLY B 25 22.30 20.72 18.06
N ASP B 26 22.31 21.71 18.97
CA ASP B 26 21.13 22.07 19.74
C ASP B 26 20.41 23.21 19.03
N TRP B 27 19.10 23.23 19.17
CA TRP B 27 18.34 24.41 18.81
C TRP B 27 18.31 25.38 19.98
N LEU B 28 18.10 26.66 19.68
CA LEU B 28 18.01 27.65 20.73
C LEU B 28 16.73 27.43 21.53
N PRO B 29 16.80 27.38 22.87
CA PRO B 29 15.62 27.02 23.65
C PRO B 29 14.58 28.13 23.61
N GLY B 30 13.32 27.71 23.59
CA GLY B 30 12.24 28.67 23.59
C GLY B 30 11.94 29.31 22.26
N PHE B 31 12.63 28.91 21.20
CA PHE B 31 12.36 29.40 19.86
C PHE B 31 11.56 28.37 19.07
N THR B 32 10.54 28.83 18.37
CA THR B 32 9.87 27.99 17.39
C THR B 32 10.47 28.27 16.02
N PRO B 33 11.07 27.28 15.36
CA PRO B 33 11.66 27.53 14.04
C PRO B 33 10.63 28.04 13.05
N ARG B 34 11.06 28.95 12.18
CA ARG B 34 10.17 29.47 11.16
C ARG B 34 9.83 28.36 10.16
N GLU B 35 8.84 28.68 9.31
CA GLU B 35 8.16 27.68 8.48
C GLU B 35 9.11 26.99 7.51
N GLU B 36 9.82 27.77 6.68
CA GLU B 36 10.73 27.16 5.71
C GLU B 36 11.80 26.33 6.40
N THR B 37 12.25 26.77 7.57
CA THR B 37 13.18 25.95 8.33
C THR B 37 12.57 24.61 8.71
N VAL B 38 11.29 24.58 9.07
CA VAL B 38 10.63 23.32 9.36
C VAL B 38 10.59 22.43 8.13
N TYR B 39 10.35 23.02 6.95
CA TYR B 39 10.36 22.20 5.74
C TYR B 39 11.73 21.60 5.52
N VAL B 40 12.78 22.36 5.80
CA VAL B 40 14.13 21.84 5.53
C VAL B 40 14.52 20.78 6.55
N HIS B 41 14.19 21.00 7.83
CA HIS B 41 14.73 20.19 8.92
C HIS B 41 13.70 19.43 9.73
N GLY B 42 12.42 19.82 9.68
CA GLY B 42 11.38 19.24 10.51
C GLY B 42 11.44 17.73 10.66
N GLY B 43 11.27 17.24 11.88
CA GLY B 43 11.23 15.82 12.11
C GLY B 43 12.50 15.07 11.77
N VAL B 44 13.63 15.76 11.60
CA VAL B 44 14.89 15.13 11.21
C VAL B 44 16.05 15.85 11.88
N GLU B 45 16.91 15.11 12.56
CA GLU B 45 18.18 15.58 13.08
C GLU B 45 19.28 14.68 12.53
N PRO B 46 20.54 15.10 12.60
CA PRO B 46 21.62 14.22 12.15
C PRO B 46 21.54 12.86 12.83
N ASP B 47 21.94 11.84 12.09
CA ASP B 47 21.97 10.50 12.63
C ASP B 47 22.78 10.49 13.92
N PRO B 48 22.21 10.05 15.03
CA PRO B 48 22.98 10.01 16.28
C PRO B 48 24.23 9.17 16.19
N LEU B 49 24.16 8.03 15.49
CA LEU B 49 25.28 7.10 15.44
C LEU B 49 26.45 7.65 14.63
N THR B 50 26.20 8.28 13.48
CA THR B 50 27.26 8.73 12.59
C THR B 50 27.27 10.21 12.31
N GLY B 51 26.26 10.96 12.73
CA GLY B 51 26.13 12.35 12.33
C GLY B 51 25.69 12.56 10.89
N ALA B 52 25.29 11.51 10.19
CA ALA B 52 24.82 11.66 8.81
C ALA B 52 23.75 12.75 8.75
N ILE B 53 23.96 13.69 7.83
CA ILE B 53 23.09 14.85 7.82
C ILE B 53 21.67 14.48 7.40
N LEU B 54 21.51 13.45 6.44
CA LEU B 54 20.19 12.98 6.01
C LEU B 54 19.80 11.72 6.78
N PRO B 55 18.52 11.41 6.93
CA PRO B 55 18.13 10.14 7.54
C PRO B 55 18.58 8.97 6.69
N PRO B 56 19.23 7.96 7.28
CA PRO B 56 19.53 6.73 6.52
C PRO B 56 18.24 6.02 6.11
N ILE B 57 18.30 5.34 4.97
CA ILE B 57 17.15 4.59 4.47
C ILE B 57 17.16 3.22 5.12
N TYR B 58 16.12 2.93 5.89
CA TYR B 58 15.97 1.64 6.56
C TYR B 58 15.26 0.68 5.63
N GLN B 59 16.01 0.25 4.61
CA GLN B 59 15.52 -0.74 3.65
C GLN B 59 15.70 -2.13 4.28
N ASN B 60 14.81 -2.44 5.21
CA ASN B 60 14.87 -3.71 5.91
C ASN B 60 13.49 -4.02 6.47
N THR B 61 13.19 -5.31 6.57
CA THR B 61 11.87 -5.75 6.97
C THR B 61 11.72 -5.79 8.49
N THR B 62 12.74 -6.24 9.19
CA THR B 62 12.59 -6.64 10.58
C THR B 62 13.74 -6.10 11.42
N PHE B 63 13.46 -5.96 12.72
CA PHE B 63 14.35 -5.30 13.67
C PHE B 63 14.62 -6.24 14.84
N VAL B 64 15.89 -6.47 15.15
CA VAL B 64 16.26 -7.50 16.10
C VAL B 64 15.98 -7.00 17.52
N GLN B 65 15.41 -7.86 18.34
CA GLN B 65 15.10 -7.51 19.71
C GLN B 65 16.22 -7.92 20.64
N GLU B 66 16.48 -7.08 21.65
CA GLU B 66 17.57 -7.38 22.58
C GLU B 66 17.20 -8.52 23.51
N SER B 67 15.96 -8.60 23.96
CA SER B 67 15.54 -9.68 24.85
C SER B 67 14.02 -9.74 24.84
N VAL B 68 13.49 -10.78 25.48
CA VAL B 68 12.04 -10.91 25.58
C VAL B 68 11.46 -9.78 26.40
N GLU B 69 12.12 -9.43 27.50
CA GLU B 69 11.65 -8.34 28.34
C GLU B 69 11.85 -6.98 27.69
N ASN B 70 12.87 -6.85 26.86
CA ASN B 70 13.17 -5.60 26.17
C ASN B 70 12.56 -5.56 24.78
N TYR B 71 11.49 -6.31 24.55
CA TYR B 71 10.78 -6.22 23.28
C TYR B 71 10.35 -4.79 23.00
N LEU B 72 10.64 -4.33 21.79
CA LEU B 72 10.25 -3.01 21.31
C LEU B 72 10.97 -1.89 22.02
N SER B 73 11.94 -2.20 22.87
CA SER B 73 12.64 -1.15 23.61
C SER B 73 13.30 -0.17 22.68
N LYS B 74 13.82 -0.64 21.54
CA LYS B 74 14.37 0.25 20.54
C LYS B 74 13.32 0.83 19.59
N GLY B 75 12.06 0.42 19.75
CA GLY B 75 10.93 1.09 19.13
C GLY B 75 10.41 0.49 17.84
N PHE B 76 11.09 -0.51 17.29
CA PHE B 76 10.72 -1.08 16.00
C PHE B 76 10.79 -2.60 16.07
N SER B 77 9.96 -3.24 15.25
CA SER B 77 9.99 -4.69 15.11
C SER B 77 9.71 -5.16 13.68
N TYR B 78 8.87 -4.46 12.92
CA TYR B 78 8.44 -4.92 11.61
C TYR B 78 7.95 -3.73 10.80
N SER B 79 8.56 -3.53 9.62
CA SER B 79 8.32 -2.32 8.83
C SER B 79 6.90 -2.21 8.31
N ARG B 80 6.10 -3.28 8.31
CA ARG B 80 4.71 -3.10 7.95
C ARG B 80 3.99 -2.27 9.00
N THR B 81 4.45 -2.35 10.24
CA THR B 81 3.86 -1.63 11.36
C THR B 81 4.44 -0.23 11.48
N SER B 82 5.76 -0.11 11.45
CA SER B 82 6.41 1.19 11.49
C SER B 82 7.87 0.98 11.10
N ASN B 83 8.50 2.06 10.60
CA ASN B 83 9.83 2.00 10.02
C ASN B 83 10.51 3.33 10.32
N PRO B 84 11.79 3.33 10.71
CA PRO B 84 12.42 4.60 11.14
C PRO B 84 12.38 5.72 10.11
N THR B 85 12.64 5.43 8.83
CA THR B 85 12.60 6.47 7.79
C THR B 85 11.19 7.02 7.64
N VAL B 86 10.22 6.13 7.51
CA VAL B 86 8.83 6.53 7.45
C VAL B 86 8.45 7.36 8.66
N LEU B 87 8.95 6.99 9.84
CA LEU B 87 8.61 7.73 11.05
C LEU B 87 9.17 9.15 11.01
N SER B 88 10.40 9.30 10.52
CA SER B 88 10.95 10.65 10.37
C SER B 88 10.07 11.49 9.44
N LEU B 89 9.68 10.93 8.29
CA LEU B 89 8.79 11.66 7.40
C LEU B 89 7.47 11.99 8.10
N GLU B 90 6.90 11.04 8.83
CA GLU B 90 5.63 11.27 9.52
C GLU B 90 5.75 12.41 10.52
N LYS B 91 6.87 12.47 11.23
CA LYS B 91 7.05 13.53 12.21
C LYS B 91 7.16 14.88 11.53
N LYS B 92 7.95 14.95 10.45
CA LYS B 92 8.05 16.20 9.71
C LYS B 92 6.69 16.65 9.17
N ILE B 93 5.89 15.70 8.68
CA ILE B 93 4.61 16.06 8.10
C ILE B 93 3.63 16.53 9.17
N ALA B 94 3.64 15.87 10.33
CA ALA B 94 2.79 16.32 11.43
C ALA B 94 3.19 17.72 11.88
N GLU B 95 4.49 18.01 11.90
CA GLU B 95 4.93 19.37 12.18
C GLU B 95 4.40 20.34 11.15
N ILE B 96 4.60 20.05 9.86
CA ILE B 96 4.27 21.01 8.81
C ILE B 96 2.77 21.26 8.74
N GLU B 97 1.95 20.26 9.04
CA GLU B 97 0.51 20.44 8.91
C GLU B 97 -0.15 20.88 10.21
N GLY B 98 0.60 20.93 11.31
CA GLY B 98 0.03 21.26 12.58
C GLY B 98 -0.84 20.18 13.18
N GLY B 99 -0.46 18.92 13.04
CA GLY B 99 -1.26 17.83 13.58
C GLY B 99 -0.62 17.14 14.77
N PHE B 100 -1.41 16.38 15.55
CA PHE B 100 -0.80 15.59 16.61
C PHE B 100 0.15 14.56 16.04
N GLY B 101 -0.31 13.79 15.06
CA GLY B 101 0.57 12.79 14.48
C GLY B 101 0.19 12.52 13.05
N ALA B 102 1.14 11.98 12.29
CA ALA B 102 0.89 11.62 10.91
C ALA B 102 1.15 10.13 10.70
N CYS B 103 0.45 9.57 9.71
CA CYS B 103 0.56 8.20 9.28
C CYS B 103 0.76 8.21 7.78
N CYS B 104 1.78 7.54 7.29
CA CYS B 104 2.15 7.64 5.90
C CYS B 104 1.82 6.33 5.20
N PHE B 105 1.35 6.43 3.95
CA PHE B 105 0.71 5.33 3.25
C PHE B 105 1.31 5.18 1.86
N ALA B 106 1.05 4.01 1.27
CA ALA B 106 1.57 3.72 -0.07
C ALA B 106 1.11 4.75 -1.09
N THR B 107 -0.15 5.19 -1.00
CA THR B 107 -0.70 6.18 -1.91
C THR B 107 -1.66 7.08 -1.16
N GLY B 108 -2.09 8.15 -1.84
CA GLY B 108 -3.15 8.98 -1.30
C GLY B 108 -4.49 8.25 -1.25
N MET B 109 -4.73 7.37 -2.22
CA MET B 109 -5.95 6.56 -2.19
C MET B 109 -5.96 5.64 -0.98
N ALA B 110 -4.79 5.10 -0.60
CA ALA B 110 -4.74 4.23 0.57
C ALA B 110 -4.98 5.01 1.86
N ALA B 111 -4.43 6.23 1.98
CA ALA B 111 -4.76 7.06 3.13
C ALA B 111 -6.26 7.35 3.19
N THR B 112 -6.84 7.74 2.07
CA THR B 112 -8.28 8.00 2.04
C THR B 112 -9.06 6.77 2.47
N VAL B 113 -8.78 5.63 1.84
CA VAL B 113 -9.46 4.39 2.12
C VAL B 113 -9.30 3.99 3.58
N THR B 114 -8.15 4.28 4.18
CA THR B 114 -7.96 3.92 5.58
C THR B 114 -8.82 4.79 6.47
N ILE B 115 -9.01 6.06 6.12
CA ILE B 115 -9.94 6.89 6.89
C ILE B 115 -11.35 6.33 6.81
N PHE B 116 -11.82 6.09 5.57
CA PHE B 116 -13.15 5.50 5.38
C PHE B 116 -13.30 4.17 6.11
N SER B 117 -12.23 3.38 6.14
CA SER B 117 -12.28 2.08 6.78
C SER B 117 -12.36 2.23 8.30
N ALA B 118 -11.68 3.23 8.84
CA ALA B 118 -11.60 3.36 10.29
C ALA B 118 -12.87 3.96 10.88
N PHE B 119 -13.48 4.94 10.23
CA PHE B 119 -14.46 5.75 10.93
C PHE B 119 -15.88 5.56 10.40
N LEU B 120 -16.13 4.58 9.53
CA LEU B 120 -17.47 4.30 9.05
C LEU B 120 -17.80 2.82 9.26
N ALA B 121 -19.05 2.56 9.60
CA ALA B 121 -19.57 1.20 9.73
C ALA B 121 -20.93 1.16 9.03
N PRO B 122 -21.43 -0.05 8.75
CA PRO B 122 -22.75 -0.14 8.11
C PRO B 122 -23.79 0.65 8.89
N GLY B 123 -24.65 1.33 8.14
CA GLY B 123 -25.61 2.24 8.73
C GLY B 123 -25.11 3.65 8.91
N ASP B 124 -23.83 3.91 8.70
CA ASP B 124 -23.31 5.24 8.89
C ASP B 124 -23.57 6.10 7.67
N HIS B 125 -23.63 7.41 7.92
CA HIS B 125 -23.80 8.42 6.88
C HIS B 125 -22.52 9.22 6.75
N CYS B 126 -22.16 9.55 5.52
CA CYS B 126 -20.96 10.33 5.27
C CYS B 126 -21.28 11.33 4.18
N LEU B 127 -21.10 12.62 4.48
CA LEU B 127 -21.27 13.70 3.51
C LEU B 127 -19.93 13.94 2.83
N VAL B 128 -19.93 13.92 1.51
CA VAL B 128 -18.72 14.13 0.72
C VAL B 128 -18.97 15.26 -0.26
N THR B 129 -17.98 16.13 -0.43
CA THR B 129 -18.06 17.14 -1.46
C THR B 129 -18.34 16.47 -2.81
N ASN B 130 -19.30 17.01 -3.55
CA ASN B 130 -19.69 16.43 -4.82
C ASN B 130 -18.62 16.57 -5.89
N CYS B 131 -17.68 17.50 -5.71
CA CYS B 131 -16.57 17.67 -6.64
C CYS B 131 -15.28 17.08 -6.09
N SER B 132 -15.36 15.98 -5.38
CA SER B 132 -14.16 15.36 -4.89
C SER B 132 -13.38 14.72 -6.03
N TYR B 133 -12.10 14.51 -5.79
CA TYR B 133 -11.27 13.67 -6.64
C TYR B 133 -12.02 12.45 -7.15
N GLY B 134 -11.86 12.11 -8.43
CA GLY B 134 -12.58 10.97 -8.98
C GLY B 134 -12.37 9.70 -8.17
N GLY B 135 -11.12 9.39 -7.84
CA GLY B 135 -10.84 8.15 -7.11
C GLY B 135 -11.54 8.06 -5.77
N THR B 136 -11.62 9.19 -5.06
CA THR B 136 -12.33 9.21 -3.79
C THR B 136 -13.81 8.88 -3.97
N ASN B 137 -14.45 9.54 -4.92
CA ASN B 137 -15.84 9.27 -5.23
C ASN B 137 -16.04 7.79 -5.62
N ARG B 138 -15.15 7.26 -6.45
CA ARG B 138 -15.29 5.89 -6.93
C ARG B 138 -15.12 4.88 -5.80
N CYS B 139 -14.16 5.11 -4.90
CA CYS B 139 -13.99 4.18 -3.79
C CYS B 139 -15.20 4.24 -2.86
N ALA B 140 -15.80 5.42 -2.71
CA ALA B 140 -17.01 5.53 -1.89
C ALA B 140 -18.17 4.76 -2.52
N ARG B 141 -18.56 5.15 -3.73
CA ARG B 141 -19.75 4.58 -4.37
C ARG B 141 -19.56 3.12 -4.71
N LEU B 142 -18.49 2.79 -5.42
CA LEU B 142 -18.34 1.45 -5.98
C LEU B 142 -18.06 0.40 -4.91
N HIS B 143 -17.36 0.77 -3.84
CA HIS B 143 -16.91 -0.23 -2.86
C HIS B 143 -17.54 -0.03 -1.49
N PHE B 144 -17.30 1.09 -0.83
CA PHE B 144 -17.71 1.20 0.57
C PHE B 144 -19.23 1.18 0.70
N SER B 145 -19.95 1.59 -0.33
CA SER B 145 -21.41 1.58 -0.29
C SER B 145 -21.94 0.16 -0.13
N LYS B 146 -21.23 -0.84 -0.64
CA LYS B 146 -21.67 -2.21 -0.48
C LYS B 146 -21.68 -2.65 0.97
N TYR B 147 -21.02 -1.90 1.86
CA TYR B 147 -21.16 -2.14 3.28
C TYR B 147 -22.33 -1.40 3.88
N ASN B 148 -23.28 -0.95 3.06
CA ASN B 148 -24.43 -0.21 3.54
C ASN B 148 -24.01 1.01 4.34
N ILE B 149 -22.96 1.65 3.87
CA ILE B 149 -22.62 3.01 4.26
C ILE B 149 -23.21 3.92 3.21
N ASP B 150 -23.88 4.97 3.65
CA ASP B 150 -24.54 5.89 2.73
C ASP B 150 -23.67 7.13 2.56
N PHE B 151 -23.11 7.28 1.37
CA PHE B 151 -22.36 8.47 1.00
C PHE B 151 -23.31 9.41 0.28
N GLU B 152 -23.51 10.59 0.84
CA GLU B 152 -24.28 11.64 0.19
C GLU B 152 -23.33 12.71 -0.29
N PHE B 153 -23.36 12.98 -1.60
CA PHE B 153 -22.47 13.95 -2.22
C PHE B 153 -23.23 15.26 -2.42
N ILE B 154 -22.79 16.32 -1.75
CA ILE B 154 -23.50 17.59 -1.75
C ILE B 154 -22.54 18.72 -2.07
N ASP B 155 -23.11 19.88 -2.38
CA ASP B 155 -22.33 21.07 -2.68
C ASP B 155 -21.75 21.65 -1.41
N PHE B 156 -20.43 21.68 -1.32
CA PHE B 156 -19.74 22.18 -0.14
C PHE B 156 -19.42 23.67 -0.22
N ARG B 157 -19.74 24.33 -1.34
CA ARG B 157 -19.44 25.75 -1.44
C ARG B 157 -20.19 26.56 -0.39
N ASP B 158 -21.45 26.18 -0.10
CA ASP B 158 -22.25 26.80 0.94
C ASP B 158 -22.17 25.97 2.23
N PRO B 159 -21.58 26.47 3.30
CA PRO B 159 -21.50 25.66 4.54
C PRO B 159 -22.85 25.35 5.15
N THR B 160 -23.88 26.18 4.91
CA THR B 160 -25.20 25.85 5.44
C THR B 160 -25.77 24.61 4.78
N ASN B 161 -25.41 24.36 3.52
CA ASN B 161 -25.83 23.13 2.87
C ASN B 161 -25.33 21.92 3.64
N VAL B 162 -24.08 21.95 4.06
CA VAL B 162 -23.53 20.88 4.87
C VAL B 162 -24.25 20.83 6.21
N GLU B 163 -24.30 21.96 6.92
CA GLU B 163 -24.92 21.97 8.23
C GLU B 163 -26.28 21.29 8.21
N LYS B 164 -27.10 21.65 7.22
CA LYS B 164 -28.46 21.11 7.20
C LYS B 164 -28.54 19.73 6.57
N ALA B 165 -27.52 19.30 5.84
CA ALA B 165 -27.47 17.94 5.33
C ALA B 165 -26.96 16.93 6.36
N ILE B 166 -26.54 17.39 7.54
CA ILE B 166 -26.08 16.45 8.57
C ILE B 166 -27.27 15.72 9.16
N ARG B 167 -27.19 14.40 9.17
CA ARG B 167 -28.20 13.54 9.75
C ARG B 167 -27.69 12.92 11.04
N PRO B 168 -28.56 12.27 11.82
CA PRO B 168 -28.08 11.66 13.06
C PRO B 168 -27.12 10.51 12.81
N GLN B 169 -27.14 9.93 11.62
CA GLN B 169 -26.21 8.87 11.23
C GLN B 169 -24.93 9.41 10.62
N THR B 170 -24.84 10.71 10.37
CA THR B 170 -23.63 11.29 9.83
C THR B 170 -22.50 11.13 10.84
N LYS B 171 -21.43 10.46 10.43
CA LYS B 171 -20.24 10.35 11.24
C LYS B 171 -19.06 11.13 10.68
N VAL B 172 -19.06 11.36 9.37
CA VAL B 172 -17.92 11.97 8.68
C VAL B 172 -18.42 12.99 7.65
N VAL B 173 -17.76 14.14 7.64
CA VAL B 173 -17.89 15.17 6.61
C VAL B 173 -16.53 15.25 5.93
N PHE B 174 -16.51 14.99 4.62
CA PHE B 174 -15.26 14.87 3.88
C PHE B 174 -15.18 16.01 2.86
N SER B 175 -14.38 17.02 3.18
CA SER B 175 -14.21 18.16 2.31
C SER B 175 -12.93 18.02 1.51
N GLU B 176 -12.87 18.77 0.41
CA GLU B 176 -11.70 18.86 -0.44
C GLU B 176 -11.62 20.33 -0.84
N SER B 177 -10.43 20.91 -0.81
CA SER B 177 -10.36 22.30 -1.23
C SER B 177 -8.91 22.66 -1.49
N PRO B 178 -8.59 23.23 -2.66
CA PRO B 178 -9.51 23.28 -3.81
C PRO B 178 -9.82 21.87 -4.33
N CYS B 179 -10.89 21.75 -5.10
CA CYS B 179 -11.35 20.46 -5.58
C CYS B 179 -10.63 20.04 -6.84
N ASN B 180 -10.43 18.75 -6.98
CA ASN B 180 -9.90 18.18 -8.20
C ASN B 180 -11.05 17.77 -9.09
N PRO B 181 -11.20 18.35 -10.30
CA PRO B 181 -10.40 19.38 -10.98
C PRO B 181 -11.06 20.75 -11.07
N THR B 182 -12.28 20.88 -10.52
CA THR B 182 -13.05 22.09 -10.72
C THR B 182 -12.49 23.28 -9.95
N LEU B 183 -11.65 23.05 -8.97
CA LEU B 183 -11.08 24.10 -8.13
C LEU B 183 -12.12 24.80 -7.28
N TYR B 184 -13.25 24.16 -7.01
CA TYR B 184 -14.18 24.69 -6.03
C TYR B 184 -13.54 24.69 -4.65
N LEU B 185 -13.85 25.70 -3.86
CA LEU B 185 -13.34 25.81 -2.50
C LEU B 185 -14.44 25.46 -1.50
N ALA B 186 -14.01 24.94 -0.35
CA ALA B 186 -14.87 24.72 0.80
C ALA B 186 -14.35 25.59 1.93
N ASP B 187 -15.27 26.21 2.67
CA ASP B 187 -14.88 27.05 3.81
C ASP B 187 -14.56 26.12 4.97
N ILE B 188 -13.27 25.82 5.12
CA ILE B 188 -12.87 24.80 6.09
C ILE B 188 -13.22 25.25 7.51
N GLU B 189 -12.93 26.51 7.83
CA GLU B 189 -13.22 26.96 9.19
C GLU B 189 -14.71 26.85 9.48
N ALA B 190 -15.56 27.26 8.55
CA ALA B 190 -17.00 27.23 8.78
C ALA B 190 -17.52 25.80 8.93
N ILE B 191 -17.10 24.91 8.03
CA ILE B 191 -17.53 23.53 8.14
C ILE B 191 -17.02 22.91 9.44
N SER B 192 -15.80 23.25 9.83
CA SER B 192 -15.24 22.71 11.07
C SER B 192 -16.07 23.17 12.25
N GLN B 193 -16.50 24.43 12.20
CA GLN B 193 -17.40 24.97 13.21
C GLN B 193 -18.68 24.16 13.29
N ILE B 194 -19.32 23.92 12.14
CA ILE B 194 -20.55 23.11 12.10
C ILE B 194 -20.33 21.71 12.65
N CYS B 195 -19.26 21.04 12.21
CA CYS B 195 -19.00 19.65 12.60
C CYS B 195 -18.70 19.54 14.09
N LYS B 196 -17.98 20.52 14.64
CA LYS B 196 -17.79 20.56 16.10
C LYS B 196 -19.13 20.64 16.82
N GLU B 197 -19.95 21.61 16.43
CA GLU B 197 -21.26 21.74 17.07
C GLU B 197 -22.09 20.47 16.92
N LYS B 198 -21.94 19.76 15.80
CA LYS B 198 -22.71 18.57 15.51
C LYS B 198 -22.03 17.29 16.02
N LYS B 199 -20.82 17.37 16.53
CA LYS B 199 -20.08 16.20 16.97
C LYS B 199 -19.89 15.21 15.81
N VAL B 200 -19.32 15.71 14.71
CA VAL B 200 -19.07 14.90 13.52
C VAL B 200 -17.62 15.08 13.11
N LEU B 201 -17.02 14.00 12.60
CA LEU B 201 -15.64 14.08 12.15
C LEU B 201 -15.52 14.92 10.89
N HIS B 202 -14.58 15.85 10.88
CA HIS B 202 -14.29 16.63 9.69
C HIS B 202 -12.93 16.17 9.14
N VAL B 203 -12.97 15.56 7.96
CA VAL B 203 -11.77 15.19 7.23
C VAL B 203 -11.68 16.12 6.04
N CYS B 204 -10.49 16.63 5.76
CA CYS B 204 -10.34 17.49 4.60
C CYS B 204 -9.13 17.04 3.80
N ASP B 205 -9.32 16.90 2.50
CA ASP B 205 -8.28 16.54 1.55
C ASP B 205 -7.74 17.83 0.94
N SER B 206 -6.60 18.30 1.46
CA SER B 206 -6.04 19.55 0.97
C SER B 206 -4.86 19.32 0.05
N THR B 207 -4.92 18.25 -0.76
CA THR B 207 -3.80 17.91 -1.65
C THR B 207 -3.47 19.05 -2.59
N PHE B 208 -4.49 19.66 -3.22
CA PHE B 208 -4.29 20.77 -4.15
C PHE B 208 -3.76 22.01 -3.47
N ALA B 209 -3.97 22.15 -2.17
CA ALA B 209 -3.59 23.36 -1.45
C ALA B 209 -2.15 23.35 -0.99
N THR B 210 -1.67 22.19 -0.51
CA THR B 210 -0.45 22.01 0.27
C THR B 210 -0.56 22.77 1.58
N PRO B 211 0.14 22.35 2.63
CA PRO B 211 0.14 23.11 3.89
C PRO B 211 0.72 24.51 3.74
N TYR B 212 1.51 24.77 2.69
CA TYR B 212 2.04 26.10 2.47
C TYR B 212 0.93 27.11 2.21
N MET B 213 -0.16 26.69 1.57
CA MET B 213 -1.28 27.55 1.25
C MET B 213 -2.39 27.49 2.29
N MET B 214 -2.71 26.29 2.78
CA MET B 214 -3.78 26.16 3.75
C MET B 214 -3.62 24.88 4.55
N ARG B 215 -3.72 25.00 5.87
CA ARG B 215 -3.65 23.85 6.77
C ARG B 215 -5.01 23.66 7.45
N PRO B 216 -5.81 22.71 7.00
CA PRO B 216 -7.16 22.53 7.58
C PRO B 216 -7.14 22.27 9.08
N LEU B 217 -6.07 21.70 9.63
CA LEU B 217 -6.04 21.46 11.07
C LEU B 217 -5.95 22.77 11.84
N ASP B 218 -5.27 23.78 11.30
CA ASP B 218 -5.34 25.11 11.88
C ASP B 218 -6.74 25.69 11.76
N LEU B 219 -7.51 25.24 10.78
CA LEU B 219 -8.83 25.76 10.53
C LEU B 219 -9.92 24.93 11.20
N GLY B 220 -9.54 23.96 12.03
CA GLY B 220 -10.48 23.19 12.81
C GLY B 220 -10.77 21.80 12.31
N ALA B 221 -10.14 21.35 11.22
CA ALA B 221 -10.39 19.99 10.76
C ALA B 221 -9.87 18.97 11.76
N ASP B 222 -10.55 17.83 11.82
CA ASP B 222 -10.13 16.75 12.69
C ASP B 222 -9.03 15.92 12.04
N ILE B 223 -9.17 15.69 10.75
CA ILE B 223 -8.21 14.88 10.01
C ILE B 223 -7.91 15.60 8.71
N VAL B 224 -6.65 15.53 8.29
CA VAL B 224 -6.25 15.96 6.96
C VAL B 224 -5.73 14.75 6.23
N VAL B 225 -6.15 14.60 4.97
CA VAL B 225 -5.58 13.59 4.09
C VAL B 225 -4.82 14.31 2.98
N GLN B 226 -3.65 13.78 2.66
CA GLN B 226 -2.80 14.30 1.59
C GLN B 226 -2.44 13.18 0.65
N SER B 227 -2.48 13.45 -0.65
CA SER B 227 -1.74 12.63 -1.58
C SER B 227 -0.38 13.30 -1.70
N THR B 228 0.62 12.72 -1.03
CA THR B 228 1.98 13.24 -1.15
C THR B 228 2.55 13.02 -2.54
N THR B 229 1.91 12.17 -3.35
CA THR B 229 2.29 12.04 -4.76
C THR B 229 2.43 13.39 -5.44
N LYS B 230 1.54 14.33 -5.12
CA LYS B 230 1.36 15.52 -5.96
C LYS B 230 2.39 16.61 -5.69
N TYR B 231 2.23 17.34 -4.59
CA TYR B 231 3.09 18.48 -4.28
C TYR B 231 4.18 18.17 -3.26
N TYR B 232 3.86 17.37 -2.24
CA TYR B 232 4.88 16.89 -1.31
C TYR B 232 6.07 16.35 -2.08
N ASP B 233 5.82 15.38 -2.97
CA ASP B 233 6.76 14.92 -3.98
C ASP B 233 7.05 16.04 -4.97
N GLY B 234 6.02 16.42 -5.73
CA GLY B 234 6.17 17.46 -6.72
C GLY B 234 7.19 17.18 -7.79
N HIS B 235 7.64 15.94 -7.91
CA HIS B 235 8.65 15.59 -8.90
C HIS B 235 8.25 14.42 -9.78
N ASN B 236 7.01 13.93 -9.67
CA ASN B 236 6.54 12.82 -10.48
C ASN B 236 7.31 11.55 -10.18
N CYS B 237 7.84 11.48 -8.97
CA CYS B 237 8.77 10.45 -8.56
C CYS B 237 8.08 9.33 -7.80
N THR B 238 7.41 9.64 -6.69
CA THR B 238 6.84 8.61 -5.85
C THR B 238 5.34 8.76 -5.78
N LEU B 239 4.70 7.65 -5.41
CA LEU B 239 3.37 7.65 -4.85
C LEU B 239 3.48 7.74 -3.33
N GLY B 240 2.44 8.28 -2.70
CA GLY B 240 2.41 8.36 -1.26
C GLY B 240 1.15 9.02 -0.75
N GLY B 241 0.78 8.69 0.49
CA GLY B 241 -0.35 9.32 1.12
C GLY B 241 0.00 9.64 2.56
N ALA B 242 -0.78 10.53 3.16
CA ALA B 242 -0.55 10.86 4.55
C ALA B 242 -1.87 11.22 5.20
N VAL B 243 -2.06 10.73 6.41
CA VAL B 243 -3.20 11.08 7.25
C VAL B 243 -2.65 11.78 8.48
N ILE B 244 -3.00 13.05 8.65
CA ILE B 244 -2.56 13.85 9.79
C ILE B 244 -3.74 14.02 10.73
N SER B 245 -3.54 13.61 11.97
CA SER B 245 -4.58 13.55 12.98
C SER B 245 -4.32 14.61 14.04
N SER B 246 -5.40 15.26 14.44
CA SER B 246 -5.41 16.34 15.41
C SER B 246 -5.31 15.86 16.85
N THR B 247 -5.66 14.60 17.11
CA THR B 247 -5.64 14.05 18.45
C THR B 247 -4.93 12.71 18.44
N LYS B 248 -4.54 12.28 19.63
CA LYS B 248 -3.89 10.98 19.80
C LYS B 248 -4.85 9.84 19.56
N GLU B 249 -6.11 9.96 19.99
CA GLU B 249 -7.09 8.90 19.74
C GLU B 249 -7.22 8.62 18.25
N ILE B 250 -7.52 9.66 17.47
CA ILE B 250 -7.63 9.52 16.02
C ILE B 250 -6.34 8.95 15.45
N HIS B 251 -5.20 9.47 15.92
CA HIS B 251 -3.95 9.04 15.34
C HIS B 251 -3.72 7.55 15.59
N ASP B 252 -4.01 7.09 16.81
CA ASP B 252 -3.80 5.69 17.13
C ASP B 252 -4.74 4.79 16.35
N LYS B 253 -6.00 5.22 16.18
CA LYS B 253 -6.91 4.45 15.34
C LYS B 253 -6.35 4.29 13.94
N VAL B 254 -5.89 5.38 13.33
CA VAL B 254 -5.34 5.28 11.98
C VAL B 254 -4.12 4.38 11.96
N PHE B 255 -3.27 4.50 12.98
CA PHE B 255 -2.05 3.70 13.06
C PHE B 255 -2.36 2.21 13.11
N PHE B 256 -3.27 1.82 14.00
CA PHE B 256 -3.71 0.45 14.09
C PHE B 256 -4.21 -0.05 12.74
N LEU B 257 -5.09 0.73 12.10
CA LEU B 257 -5.70 0.21 10.90
C LEU B 257 -4.70 0.14 9.75
N ARG B 258 -3.72 1.03 9.74
CA ARG B 258 -2.66 0.91 8.76
C ARG B 258 -1.91 -0.41 8.93
N ASN B 259 -1.55 -0.73 10.17
CA ASN B 259 -0.86 -2.00 10.39
C ASN B 259 -1.72 -3.16 9.90
N VAL B 260 -3.02 -3.09 10.14
CA VAL B 260 -3.89 -4.20 9.75
C VAL B 260 -4.06 -4.29 8.24
N MET B 261 -4.23 -3.16 7.56
CA MET B 261 -4.44 -3.18 6.13
C MET B 261 -3.14 -3.21 5.34
N GLY B 262 -1.99 -3.14 6.00
CA GLY B 262 -0.71 -3.29 5.33
C GLY B 262 -0.52 -2.35 4.16
N ASN B 263 -0.93 -1.08 4.31
CA ASN B 263 -0.75 -0.10 3.24
C ASN B 263 0.25 0.99 3.62
N ILE B 264 1.17 0.69 4.55
CA ILE B 264 2.13 1.69 4.97
C ILE B 264 3.01 2.07 3.78
N MET B 265 3.62 3.24 3.87
CA MET B 265 4.54 3.71 2.83
C MET B 265 5.90 3.03 3.02
N SER B 266 6.68 2.98 1.93
CA SER B 266 7.97 2.30 2.03
C SER B 266 9.07 3.27 2.43
N ALA B 267 10.14 2.71 3.01
CA ALA B 267 11.27 3.51 3.46
C ALA B 267 11.85 4.33 2.33
N GLN B 268 11.94 3.75 1.14
CA GLN B 268 12.56 4.47 0.03
C GLN B 268 11.70 5.64 -0.41
N THR B 269 10.38 5.43 -0.49
CA THR B 269 9.47 6.52 -0.81
C THR B 269 9.49 7.59 0.28
N ALA B 270 9.57 7.17 1.54
CA ALA B 270 9.73 8.14 2.63
C ALA B 270 10.99 8.97 2.45
N PHE B 271 12.12 8.33 2.12
CA PHE B 271 13.34 9.10 1.85
C PHE B 271 13.13 10.11 0.74
N TYR B 272 12.65 9.64 -0.42
CA TYR B 272 12.39 10.55 -1.54
C TYR B 272 11.59 11.75 -1.09
N THR B 273 10.53 11.52 -0.33
CA THR B 273 9.62 12.59 0.08
C THR B 273 10.22 13.50 1.12
N LEU B 274 10.98 12.95 2.08
CA LEU B 274 11.73 13.77 3.00
C LEU B 274 12.63 14.72 2.25
N LEU B 275 13.20 14.25 1.14
CA LEU B 275 14.08 15.08 0.34
C LEU B 275 13.29 16.14 -0.44
N THR B 276 12.18 15.76 -1.05
CA THR B 276 11.44 16.72 -1.88
C THR B 276 10.66 17.74 -1.05
N LEU B 277 10.29 17.41 0.18
CA LEU B 277 9.56 18.36 1.01
C LEU B 277 10.38 19.60 1.28
N LYS B 278 11.71 19.48 1.32
CA LYS B 278 12.56 20.61 1.66
C LYS B 278 12.31 21.79 0.73
N THR B 279 11.97 21.53 -0.53
CA THR B 279 11.77 22.60 -1.49
C THR B 279 10.30 22.90 -1.76
N LEU B 280 9.38 22.34 -0.98
CA LEU B 280 7.97 22.60 -1.25
C LEU B 280 7.65 24.10 -1.24
N PRO B 281 8.08 24.90 -0.28
CA PRO B 281 7.73 26.33 -0.31
C PRO B 281 8.19 27.04 -1.56
N ILE B 282 9.46 26.88 -1.96
CA ILE B 282 9.95 27.59 -3.14
C ILE B 282 9.30 27.05 -4.41
N ARG B 283 9.11 25.72 -4.47
CA ARG B 283 8.41 25.15 -5.61
C ARG B 283 7.02 25.73 -5.75
N VAL B 284 6.26 25.76 -4.66
CA VAL B 284 4.87 26.19 -4.76
C VAL B 284 4.80 27.68 -5.05
N GLU B 285 5.74 28.46 -4.51
CA GLU B 285 5.79 29.87 -4.90
C GLU B 285 5.99 30.02 -6.40
N LYS B 286 6.97 29.31 -6.98
CA LYS B 286 7.22 29.45 -8.42
C LYS B 286 6.03 28.95 -9.23
N GLN B 287 5.53 27.76 -8.93
CA GLN B 287 4.39 27.25 -9.66
C GLN B 287 3.23 28.23 -9.58
N SER B 288 3.03 28.87 -8.43
CA SER B 288 1.85 29.70 -8.25
C SER B 288 1.99 31.02 -8.99
N ALA B 289 3.18 31.63 -8.97
CA ALA B 289 3.41 32.80 -9.80
C ALA B 289 3.19 32.47 -11.28
N ASN B 290 3.80 31.37 -11.74
CA ASN B 290 3.59 30.93 -13.11
C ASN B 290 2.12 30.75 -13.42
N ALA B 291 1.37 30.14 -12.49
CA ALA B 291 -0.04 29.89 -12.71
C ALA B 291 -0.85 31.18 -12.74
N GLN B 292 -0.49 32.16 -11.90
CA GLN B 292 -1.16 33.45 -11.95
C GLN B 292 -0.97 34.10 -13.32
N LYS B 293 0.25 34.09 -13.82
CA LYS B 293 0.49 34.65 -15.14
C LYS B 293 -0.27 33.88 -16.22
N ILE B 294 -0.24 32.55 -16.17
CA ILE B 294 -0.89 31.78 -17.22
C ILE B 294 -2.39 32.01 -17.18
N ALA B 295 -2.96 32.07 -15.98
CA ALA B 295 -4.39 32.28 -15.87
C ALA B 295 -4.79 33.66 -16.41
N GLU B 296 -3.95 34.67 -16.17
CA GLU B 296 -4.26 35.98 -16.73
C GLU B 296 -4.18 35.94 -18.26
N PHE B 297 -3.12 35.31 -18.79
CA PHE B 297 -2.99 35.18 -20.24
C PHE B 297 -4.24 34.52 -20.83
N LEU B 298 -4.60 33.35 -20.32
CA LEU B 298 -5.79 32.67 -20.81
C LEU B 298 -7.04 33.52 -20.62
N SER B 299 -7.07 34.32 -19.55
CA SER B 299 -8.20 35.20 -19.29
C SER B 299 -8.39 36.19 -20.43
N LYS B 300 -7.32 36.57 -21.09
CA LYS B 300 -7.42 37.50 -22.20
C LYS B 300 -7.53 36.84 -23.57
N HIS B 301 -7.50 35.50 -23.64
CA HIS B 301 -7.36 34.84 -24.93
C HIS B 301 -8.71 34.68 -25.61
N HIS B 302 -8.78 35.07 -26.87
N HIS B 302 -8.79 35.09 -26.87
CA HIS B 302 -10.05 35.09 -27.59
CA HIS B 302 -10.05 35.07 -27.59
C HIS B 302 -10.59 33.70 -27.87
C HIS B 302 -10.62 33.67 -27.69
N LYS B 303 -9.77 32.66 -27.80
CA LYS B 303 -10.20 31.29 -28.02
C LYS B 303 -10.64 30.59 -26.75
N VAL B 304 -10.45 31.20 -25.59
CA VAL B 304 -10.70 30.58 -24.30
C VAL B 304 -12.01 31.14 -23.75
N GLU B 305 -12.87 30.24 -23.27
CA GLU B 305 -14.23 30.60 -22.92
C GLU B 305 -14.36 30.96 -21.45
N HIS B 306 -13.82 30.14 -20.57
CA HIS B 306 -13.79 30.43 -19.14
C HIS B 306 -12.43 30.00 -18.60
N VAL B 307 -11.97 30.71 -17.57
CA VAL B 307 -10.74 30.36 -16.87
C VAL B 307 -11.02 30.36 -15.38
N ILE B 308 -10.64 29.28 -14.71
CA ILE B 308 -10.81 29.10 -13.28
C ILE B 308 -9.42 29.06 -12.66
N TYR B 309 -9.14 30.04 -11.81
CA TYR B 309 -7.94 30.08 -11.01
C TYR B 309 -8.26 30.95 -9.80
N PRO B 310 -8.01 30.45 -8.59
CA PRO B 310 -8.39 31.20 -7.38
C PRO B 310 -7.76 32.56 -7.30
N GLY B 311 -6.70 32.82 -8.06
CA GLY B 311 -5.98 34.07 -8.00
C GLY B 311 -6.43 35.15 -8.96
N ILE B 312 -7.24 34.84 -9.97
CA ILE B 312 -7.66 35.90 -10.89
C ILE B 312 -8.93 36.54 -10.34
N PRO B 313 -9.17 37.83 -10.65
CA PRO B 313 -10.22 38.57 -9.93
C PRO B 313 -11.63 38.11 -10.22
N SER B 314 -11.87 37.37 -11.30
CA SER B 314 -13.20 36.85 -11.58
C SER B 314 -13.49 35.51 -10.91
N PHE B 315 -12.55 34.94 -10.18
CA PHE B 315 -12.82 33.68 -9.52
C PHE B 315 -14.12 33.79 -8.73
N PRO B 316 -15.08 32.87 -8.92
CA PRO B 316 -16.40 33.06 -8.28
C PRO B 316 -16.37 33.00 -6.77
N GLN B 317 -15.42 32.26 -6.19
CA GLN B 317 -15.26 32.21 -4.74
C GLN B 317 -14.08 33.05 -4.29
N LYS B 318 -13.91 34.22 -4.94
CA LYS B 318 -12.76 35.08 -4.64
C LYS B 318 -12.63 35.38 -3.15
N GLU B 319 -13.74 35.68 -2.48
CA GLU B 319 -13.69 36.06 -1.07
C GLU B 319 -13.18 34.91 -0.21
N LEU B 320 -13.71 33.70 -0.42
CA LEU B 320 -13.24 32.55 0.35
C LEU B 320 -11.76 32.29 0.08
N ALA B 321 -11.34 32.43 -1.18
CA ALA B 321 -9.94 32.23 -1.52
C ALA B 321 -9.06 33.19 -0.75
N LEU B 322 -9.42 34.48 -0.76
CA LEU B 322 -8.63 35.48 -0.05
C LEU B 322 -8.66 35.24 1.45
N LYS B 323 -9.75 34.66 1.96
CA LYS B 323 -9.86 34.34 3.38
C LYS B 323 -8.96 33.16 3.75
N GLN B 324 -8.83 32.19 2.86
CA GLN B 324 -8.39 30.86 3.21
C GLN B 324 -7.02 30.49 2.69
N HIS B 325 -6.50 31.21 1.71
CA HIS B 325 -5.26 30.85 1.04
C HIS B 325 -4.13 31.75 1.50
N LYS B 326 -3.04 31.15 1.93
CA LYS B 326 -1.89 31.89 2.39
C LYS B 326 -0.79 31.82 1.34
N ASN B 327 -0.12 32.95 1.10
CA ASN B 327 1.04 33.04 0.23
C ASN B 327 0.74 32.99 -1.26
N VAL B 328 -0.12 32.07 -1.68
CA VAL B 328 -0.27 31.73 -3.08
C VAL B 328 -1.70 31.27 -3.31
N HIS B 329 -2.04 31.09 -4.58
CA HIS B 329 -3.30 30.47 -4.97
C HIS B 329 -3.09 29.17 -5.73
N GLY B 330 -1.87 28.64 -5.74
CA GLY B 330 -1.63 27.27 -6.16
C GLY B 330 -1.16 27.16 -7.60
N GLY B 331 -0.79 25.94 -7.96
CA GLY B 331 -0.35 25.64 -9.30
C GLY B 331 -1.42 25.12 -10.22
N MET B 332 -2.64 24.93 -9.75
CA MET B 332 -3.71 24.33 -10.54
C MET B 332 -4.64 25.37 -11.11
N LEU B 333 -5.02 25.20 -12.37
CA LEU B 333 -6.03 26.02 -13.00
C LEU B 333 -6.82 25.16 -13.98
N ALA B 334 -7.94 25.69 -14.42
CA ALA B 334 -8.73 24.99 -15.43
C ALA B 334 -9.26 26.03 -16.40
N PHE B 335 -9.51 25.61 -17.64
CA PHE B 335 -10.17 26.52 -18.57
C PHE B 335 -10.98 25.72 -19.57
N GLU B 336 -11.71 26.44 -20.40
CA GLU B 336 -12.54 25.86 -21.43
C GLU B 336 -12.27 26.57 -22.74
N VAL B 337 -12.03 25.80 -23.78
CA VAL B 337 -11.76 26.34 -25.10
C VAL B 337 -13.07 26.49 -25.85
N LYS B 338 -13.22 27.60 -26.56
CA LYS B 338 -14.41 27.80 -27.37
C LYS B 338 -14.43 26.79 -28.52
N GLY B 339 -15.61 26.25 -28.79
CA GLY B 339 -15.79 25.23 -29.80
C GLY B 339 -16.27 23.90 -29.27
N GLY B 340 -16.08 23.63 -27.98
CA GLY B 340 -16.53 22.40 -27.39
C GLY B 340 -15.49 21.30 -27.36
N THR B 341 -15.97 20.05 -27.39
CA THR B 341 -15.05 18.92 -27.27
C THR B 341 -14.08 18.85 -28.44
N GLU B 342 -14.56 19.11 -29.66
CA GLU B 342 -13.69 19.00 -30.82
C GLU B 342 -12.52 19.96 -30.73
N ALA B 343 -12.82 21.23 -30.43
CA ALA B 343 -11.76 22.22 -30.28
C ALA B 343 -10.84 21.86 -29.12
N GLY B 344 -11.41 21.46 -27.98
CA GLY B 344 -10.57 21.02 -26.89
C GLY B 344 -9.61 19.91 -27.29
N ILE B 345 -10.09 18.97 -28.11
CA ILE B 345 -9.27 17.83 -28.49
C ILE B 345 -8.17 18.24 -29.46
N ARG B 346 -8.48 19.08 -30.43
CA ARG B 346 -7.42 19.62 -31.29
C ARG B 346 -6.37 20.33 -30.47
N MET B 347 -6.81 21.15 -29.51
CA MET B 347 -5.90 21.89 -28.66
C MET B 347 -5.00 20.94 -27.87
N MET B 348 -5.59 19.98 -27.16
CA MET B 348 -4.81 19.00 -26.44
C MET B 348 -3.83 18.29 -27.35
N ASN B 349 -4.29 17.80 -28.51
CA ASN B 349 -3.41 17.09 -29.41
C ASN B 349 -2.32 17.98 -29.98
N HIS B 350 -2.41 19.29 -29.80
CA HIS B 350 -1.40 20.18 -30.37
C HIS B 350 -0.60 20.96 -29.33
N VAL B 351 -0.77 20.68 -28.04
CA VAL B 351 0.03 21.40 -27.04
C VAL B 351 1.46 20.80 -27.05
N PRO B 352 2.46 21.61 -27.26
CA PRO B 352 3.80 21.05 -27.44
C PRO B 352 4.55 20.95 -26.13
N ARG B 353 5.74 20.37 -26.17
CA ARG B 353 6.63 20.51 -25.04
C ARG B 353 6.98 21.99 -24.89
N PRO B 354 7.23 22.46 -23.66
CA PRO B 354 7.46 21.70 -22.43
C PRO B 354 6.25 21.00 -21.81
N TRP B 355 5.03 21.24 -22.28
CA TRP B 355 3.86 20.62 -21.64
C TRP B 355 3.87 19.11 -21.82
N SER B 356 3.26 18.41 -20.88
CA SER B 356 3.08 16.97 -20.94
C SER B 356 1.60 16.63 -20.85
N LEU B 357 1.14 15.77 -21.76
CA LEU B 357 -0.25 15.32 -21.78
C LEU B 357 -0.31 14.03 -20.96
N CYS B 358 -0.76 14.14 -19.73
CA CYS B 358 -0.74 12.98 -18.85
C CYS B 358 -1.60 13.28 -17.64
N GLU B 359 -1.65 12.32 -16.73
CA GLU B 359 -2.35 12.49 -15.46
C GLU B 359 -1.35 13.01 -14.43
N ASN B 360 -1.81 13.17 -13.19
CA ASN B 360 -1.00 13.72 -12.10
C ASN B 360 -0.93 15.24 -12.19
N LEU B 361 -0.30 15.85 -11.18
CA LEU B 361 -0.32 17.30 -11.00
C LEU B 361 0.57 17.63 -9.81
N GLY B 362 0.88 18.91 -9.67
CA GLY B 362 1.74 19.38 -8.62
C GLY B 362 3.22 19.24 -8.88
N ALA B 363 3.62 18.70 -10.03
CA ALA B 363 5.00 18.42 -10.32
C ALA B 363 5.71 19.63 -10.94
N CYS B 364 7.03 19.65 -10.81
CA CYS B 364 7.85 20.60 -11.55
C CYS B 364 7.48 20.64 -13.03
N GLU B 365 7.07 19.50 -13.59
CA GLU B 365 6.74 19.45 -15.00
C GLU B 365 5.29 19.91 -15.16
N SER B 366 5.09 20.89 -16.02
CA SER B 366 3.72 21.33 -16.32
C SER B 366 2.97 20.23 -17.06
N ILE B 367 1.74 20.01 -16.64
CA ILE B 367 0.90 18.92 -17.11
C ILE B 367 -0.43 19.48 -17.54
N ILE B 368 -1.00 18.92 -18.59
CA ILE B 368 -2.29 19.32 -19.07
C ILE B 368 -3.09 18.05 -19.30
N THR B 369 -4.40 18.10 -19.04
CA THR B 369 -5.23 16.94 -19.23
C THR B 369 -6.67 17.36 -19.46
N CYS B 370 -7.45 16.42 -19.99
CA CYS B 370 -8.88 16.59 -20.25
C CYS B 370 -9.64 15.51 -19.50
N PRO B 371 -10.09 15.78 -18.28
CA PRO B 371 -10.72 14.73 -17.47
C PRO B 371 -11.87 14.01 -18.16
N ALA B 372 -12.58 14.67 -19.08
CA ALA B 372 -13.80 14.12 -19.66
C ALA B 372 -13.52 13.21 -20.86
N VAL B 373 -12.28 13.09 -21.30
CA VAL B 373 -11.93 12.16 -22.37
C VAL B 373 -10.80 11.21 -21.97
N PHE B 374 -10.09 11.50 -20.87
CA PHE B 374 -9.05 10.62 -20.37
C PHE B 374 -9.60 9.82 -19.18
N ASN B 378 -15.34 8.52 -19.20
CA ASN B 378 -15.95 7.20 -19.28
C ASN B 378 -17.43 7.23 -18.88
N MET B 379 -17.86 8.34 -18.28
CA MET B 379 -19.23 8.50 -17.83
C MET B 379 -20.09 9.20 -18.88
N LEU B 380 -21.09 9.96 -18.43
CA LEU B 380 -22.09 10.53 -19.32
C LEU B 380 -22.08 12.04 -19.26
N ARG B 381 -22.70 12.62 -20.30
CA ARG B 381 -22.89 14.06 -20.39
C ARG B 381 -23.30 14.69 -19.06
N GLU B 382 -24.45 14.27 -18.53
CA GLU B 382 -25.14 15.05 -17.50
C GLU B 382 -24.39 15.03 -16.17
N ASP B 383 -23.75 13.90 -15.84
CA ASP B 383 -22.95 13.83 -14.63
C ASP B 383 -21.77 14.81 -14.70
N ARG B 384 -20.89 14.65 -15.69
CA ARG B 384 -19.76 15.57 -15.83
C ARG B 384 -20.22 17.02 -15.93
N LEU B 385 -21.45 17.27 -16.40
CA LEU B 385 -21.95 18.64 -16.46
C LEU B 385 -22.34 19.16 -15.08
N LYS B 386 -23.16 18.40 -14.36
CA LYS B 386 -23.55 18.80 -13.01
C LYS B 386 -22.34 18.90 -12.09
N VAL B 387 -21.33 18.07 -12.33
CA VAL B 387 -20.09 18.13 -11.57
C VAL B 387 -19.34 19.42 -11.87
N GLY B 388 -19.48 19.97 -13.07
CA GLY B 388 -18.71 21.11 -13.52
C GLY B 388 -17.61 20.76 -14.49
N ILE B 389 -17.32 19.48 -14.69
CA ILE B 389 -16.31 19.05 -15.65
C ILE B 389 -16.91 19.08 -17.05
N THR B 390 -17.02 20.29 -17.61
CA THR B 390 -17.61 20.50 -18.93
C THR B 390 -16.87 19.71 -20.02
N ASP B 391 -17.35 19.82 -21.25
CA ASP B 391 -16.80 19.03 -22.34
C ASP B 391 -15.43 19.55 -22.79
N GLY B 392 -15.27 20.86 -22.85
CA GLY B 392 -13.97 21.44 -23.14
C GLY B 392 -13.10 21.67 -21.93
N PHE B 393 -13.45 21.09 -20.80
CA PHE B 393 -12.79 21.36 -19.52
C PHE B 393 -11.36 20.81 -19.53
N ILE B 394 -10.39 21.70 -19.62
CA ILE B 394 -8.98 21.36 -19.57
C ILE B 394 -8.48 21.68 -18.18
N ARG B 395 -7.92 20.69 -17.50
CA ARG B 395 -7.25 20.91 -16.22
C ARG B 395 -5.75 21.06 -16.48
N VAL B 396 -5.13 21.99 -15.76
CA VAL B 396 -3.75 22.37 -15.97
C VAL B 396 -3.03 22.40 -14.64
N SER B 397 -1.93 21.68 -14.56
CA SER B 397 -1.01 21.72 -13.42
C SER B 397 0.21 22.49 -13.90
N VAL B 398 0.51 23.60 -13.27
CA VAL B 398 1.62 24.43 -13.72
C VAL B 398 2.86 24.03 -12.94
N GLY B 399 3.96 23.89 -13.66
CA GLY B 399 5.25 23.57 -13.10
C GLY B 399 6.13 24.80 -12.96
N ILE B 400 7.43 24.57 -12.93
CA ILE B 400 8.40 25.60 -12.63
C ILE B 400 9.22 25.97 -13.85
N GLU B 401 8.81 25.55 -15.03
CA GLU B 401 9.52 25.98 -16.22
C GLU B 401 9.43 27.48 -16.39
N ASP B 402 10.10 27.99 -17.41
CA ASP B 402 9.96 29.39 -17.76
C ASP B 402 8.54 29.64 -18.24
N VAL B 403 7.82 30.57 -17.60
CA VAL B 403 6.41 30.79 -17.92
C VAL B 403 6.25 31.21 -19.37
N ASN B 404 7.27 31.82 -19.95
CA ASN B 404 7.15 32.28 -21.32
C ASN B 404 7.08 31.11 -22.28
N ASP B 405 7.82 30.05 -21.99
CA ASP B 405 7.69 28.83 -22.76
C ASP B 405 6.30 28.22 -22.58
N LEU B 406 5.79 28.22 -21.36
CA LEU B 406 4.50 27.59 -21.10
C LEU B 406 3.39 28.33 -21.83
N ILE B 407 3.45 29.66 -21.83
CA ILE B 407 2.44 30.44 -22.54
C ILE B 407 2.63 30.33 -24.04
N ASP B 408 3.87 30.29 -24.52
CA ASP B 408 4.08 30.02 -25.95
C ASP B 408 3.37 28.74 -26.37
N GLY B 409 3.54 27.68 -25.59
CA GLY B 409 2.95 26.41 -25.95
C GLY B 409 1.44 26.43 -25.89
N LEU B 410 0.87 27.03 -24.84
CA LEU B 410 -0.58 27.16 -24.79
C LEU B 410 -1.11 27.97 -25.96
N ASP B 411 -0.45 29.09 -26.27
CA ASP B 411 -0.91 29.97 -27.35
C ASP B 411 -0.87 29.25 -28.69
N TYR B 412 0.22 28.52 -28.95
CA TYR B 412 0.26 27.69 -30.16
C TYR B 412 -0.90 26.72 -30.20
N ALA B 413 -1.03 25.89 -29.16
CA ALA B 413 -2.11 24.92 -29.13
C ALA B 413 -3.46 25.58 -29.38
N LEU B 414 -3.66 26.77 -28.80
CA LEU B 414 -4.94 27.46 -28.93
C LEU B 414 -5.17 27.97 -30.36
N SER B 415 -4.13 28.54 -30.98
CA SER B 415 -4.25 28.88 -32.39
C SER B 415 -4.58 27.66 -33.24
N LYS B 416 -4.18 26.48 -32.76
CA LYS B 416 -4.49 25.24 -33.47
C LYS B 416 -5.88 24.71 -33.16
N ALA B 417 -6.43 25.06 -32.00
CA ALA B 417 -7.72 24.53 -31.58
C ALA B 417 -8.80 24.78 -32.61
N1 PLP C . 0.51 -14.78 5.55
C2 PLP C . 1.51 -15.36 6.23
C2A PLP C . 1.59 -16.89 6.35
C3 PLP C . 2.31 -14.69 6.72
O3 PLP C . 3.34 -15.31 7.43
C4 PLP C . 2.31 -13.18 6.66
C4A PLP C . 3.45 -12.45 7.35
C5 PLP C . 1.51 -12.59 6.11
C6 PLP C . 0.48 -13.29 5.46
C5A PLP C . 1.52 -11.05 6.07
O4P PLP C . 2.42 -10.58 5.10
P PLP C . 3.17 -9.14 5.35
O1P PLP C . 4.09 -8.84 4.20
O2P PLP C . 2.17 -8.03 5.47
O3P PLP C . 3.96 -9.20 6.63
C4 2KT D . -6.09 9.33 -11.37
C3 2KT D . -4.72 10.00 -11.28
C2 2KT D . -4.79 11.31 -10.48
O3 2KT D . -5.06 11.29 -9.32
C 2KT D . -4.51 12.63 -11.18
OXT 2KT D . -5.37 13.56 -11.15
O 2KT D . -3.43 12.76 -11.80
H41 2KT D . -5.97 8.40 -11.59
H42 2KT D . -6.55 9.40 -10.51
H43 2KT D . -6.62 9.76 -12.06
H31 2KT D . -4.41 10.19 -12.17
H32 2KT D . -4.11 9.40 -10.84
N1 PLP E . -7.02 13.42 -3.45
C2 PLP E . -6.65 14.28 -4.42
C2A PLP E . -7.12 15.73 -4.35
C3 PLP E . -5.99 13.91 -5.28
O3 PLP E . -5.62 14.81 -6.26
C4 PLP E . -5.49 12.49 -5.41
C4A PLP E . -4.62 12.16 -6.62
C5 PLP E . -5.72 11.67 -4.64
C6 PLP E . -6.55 11.99 -3.55
C5A PLP E . -5.22 10.22 -4.81
O4P PLP E . -3.94 10.08 -4.28
P PLP E . -2.96 8.97 -5.01
O1P PLP E . -1.55 9.17 -4.52
O2P PLP E . -3.00 9.13 -6.52
O3P PLP E . -3.39 7.57 -4.68
#